data_6SM7
#
_entry.id   6SM7
#
_cell.length_a   72.447
_cell.length_b   113.784
_cell.length_c   143.229
_cell.angle_alpha   90.000
_cell.angle_beta   90.000
_cell.angle_gamma   90.000
#
_symmetry.space_group_name_H-M   'P 21 21 21'
#
loop_
_entity.id
_entity.type
_entity.pdbx_description
1 polymer '3-sulfolactaldehyde reductase'
2 non-polymer 'BORIC ACID'
3 water water
#
_entity_poly.entity_id   1
_entity_poly.type   'polypeptide(L)'
_entity_poly.pdbx_seq_one_letter_code
;MAAIAFIGLGQMGSPMASNLLQQGHQLRVFDVNAEAVRHLVDKGATPAANPAQAAKDAEFIITMLPNGDLVRNVLFGENG
VCEGLSTDALVIDMSTIHPLQTDKLIADMQAKGFSMMDVPVGRTSANAITGTLLLLAGGTAEQVERATPILMAMGSELIN
AGGPGMGIRVKLINNYMSIALNALSAEAAVLCEALNLPFDVAVKVMSGTAAGKGHFTTSWPNKVLSGDLSPAFMIDLAHK
DLGIALDVANQLHVPMPLGAASREVYSQARAAGRGRQDWSAILEQVRVSAGMTAKVKMLEHHHHHH
;
_entity_poly.pdbx_strand_id   A,B,D,C
#
loop_
_chem_comp.id
_chem_comp.type
_chem_comp.name
_chem_comp.formula
BO3 non-polymer 'BORIC ACID' 'B H3 O3'
#
# COMPACT_ATOMS: atom_id res chain seq x y z
N ALA A 2 30.43 -29.71 -27.43
CA ALA A 2 30.41 -30.36 -26.10
C ALA A 2 29.15 -31.22 -25.96
N ALA A 3 29.18 -32.14 -25.00
CA ALA A 3 28.06 -33.00 -24.61
C ALA A 3 27.22 -32.25 -23.57
N ILE A 4 25.99 -31.93 -23.92
CA ILE A 4 25.12 -31.07 -23.07
C ILE A 4 23.80 -31.80 -22.80
N ALA A 5 23.33 -31.77 -21.57
CA ALA A 5 21.95 -32.17 -21.21
C ALA A 5 21.15 -30.88 -21.04
N PHE A 6 19.94 -30.83 -21.57
CA PHE A 6 19.04 -29.66 -21.46
C PHE A 6 17.69 -30.16 -20.93
N ILE A 7 17.32 -29.71 -19.75
CA ILE A 7 16.05 -30.09 -19.10
C ILE A 7 15.18 -28.83 -18.94
N GLY A 8 14.04 -28.83 -19.59
CA GLY A 8 13.13 -27.68 -19.62
C GLY A 8 13.08 -27.11 -21.01
N LEU A 9 12.05 -27.45 -21.78
CA LEU A 9 11.89 -27.06 -23.19
C LEU A 9 10.68 -26.15 -23.35
N GLY A 10 10.53 -25.19 -22.44
CA GLY A 10 9.46 -24.19 -22.50
C GLY A 10 9.75 -23.08 -23.49
N GLN A 11 9.05 -21.93 -23.35
CA GLN A 11 9.11 -20.82 -24.34
C GLN A 11 10.57 -20.34 -24.41
N MET A 12 11.31 -20.39 -23.30
CA MET A 12 12.75 -19.99 -23.27
C MET A 12 13.63 -21.20 -23.62
N GLY A 13 13.42 -22.32 -22.94
CA GLY A 13 14.28 -23.52 -23.04
C GLY A 13 14.40 -24.05 -24.47
N SER A 14 13.29 -24.16 -25.19
CA SER A 14 13.26 -24.76 -26.56
C SER A 14 14.21 -23.97 -27.48
N PRO A 15 14.06 -22.65 -27.66
CA PRO A 15 14.98 -21.91 -28.51
C PRO A 15 16.43 -21.88 -28.01
N MET A 16 16.65 -21.91 -26.70
CA MET A 16 18.01 -21.97 -26.12
C MET A 16 18.67 -23.30 -26.53
N ALA A 17 17.98 -24.43 -26.31
CA ALA A 17 18.46 -25.76 -26.71
C ALA A 17 18.69 -25.76 -28.23
N SER A 18 17.76 -25.16 -29.00
CA SER A 18 17.85 -25.07 -30.48
C SER A 18 19.15 -24.39 -30.89
N ASN A 19 19.52 -23.29 -30.21
CA ASN A 19 20.77 -22.54 -30.53
C ASN A 19 21.98 -23.39 -30.19
N LEU A 20 21.95 -24.19 -29.14
CA LEU A 20 23.10 -25.05 -28.81
C LEU A 20 23.31 -26.05 -29.95
N LEU A 21 22.23 -26.64 -30.47
CA LEU A 21 22.30 -27.61 -31.61
C LEU A 21 22.90 -26.90 -32.84
N GLN A 22 22.46 -25.67 -33.13
CA GLN A 22 22.92 -24.86 -34.31
C GLN A 22 24.43 -24.65 -34.21
N GLN A 23 24.98 -24.50 -33.02
CA GLN A 23 26.42 -24.22 -32.80
C GLN A 23 27.18 -25.54 -32.66
N GLY A 24 26.54 -26.67 -32.97
CA GLY A 24 27.22 -27.97 -33.16
C GLY A 24 27.35 -28.83 -31.91
N HIS A 25 26.71 -28.48 -30.80
CA HIS A 25 26.76 -29.32 -29.57
C HIS A 25 25.87 -30.54 -29.75
N GLN A 26 26.18 -31.62 -29.04
CA GLN A 26 25.39 -32.86 -28.93
C GLN A 26 24.51 -32.73 -27.67
N LEU A 27 23.19 -32.65 -27.85
CA LEU A 27 22.23 -32.42 -26.74
C LEU A 27 21.42 -33.67 -26.45
N ARG A 28 21.26 -33.96 -25.17
CA ARG A 28 20.30 -34.95 -24.63
C ARG A 28 19.26 -34.09 -23.95
N VAL A 29 18.01 -34.17 -24.38
CA VAL A 29 16.95 -33.26 -23.88
C VAL A 29 15.91 -34.04 -23.10
N PHE A 30 15.32 -33.39 -22.11
CA PHE A 30 14.15 -33.91 -21.40
C PHE A 30 13.20 -32.75 -21.10
N ASP A 31 11.92 -33.02 -21.27
CA ASP A 31 10.82 -32.19 -20.76
C ASP A 31 9.63 -33.13 -20.55
N VAL A 32 8.70 -32.78 -19.67
CA VAL A 32 7.46 -33.59 -19.42
C VAL A 32 6.55 -33.51 -20.65
N ASN A 33 6.68 -32.47 -21.48
CA ASN A 33 5.86 -32.26 -22.69
C ASN A 33 6.52 -32.97 -23.88
N ALA A 34 5.89 -34.06 -24.35
CA ALA A 34 6.46 -34.94 -25.40
C ALA A 34 6.60 -34.16 -26.71
N GLU A 35 5.67 -33.24 -27.02
CA GLU A 35 5.72 -32.43 -28.27
C GLU A 35 6.97 -31.53 -28.24
N ALA A 36 7.30 -30.92 -27.09
CA ALA A 36 8.48 -30.04 -26.97
C ALA A 36 9.75 -30.88 -27.23
N VAL A 37 9.80 -32.10 -26.68
CA VAL A 37 10.97 -33.03 -26.90
C VAL A 37 11.05 -33.34 -28.40
N ARG A 38 9.93 -33.75 -29.00
CA ARG A 38 9.88 -34.12 -30.44
C ARG A 38 10.43 -32.98 -31.30
N HIS A 39 10.05 -31.73 -31.00
CA HIS A 39 10.54 -30.55 -31.77
C HIS A 39 12.07 -30.48 -31.73
N LEU A 40 12.69 -30.73 -30.58
CA LEU A 40 14.16 -30.68 -30.43
C LEU A 40 14.79 -31.91 -31.11
N VAL A 41 14.17 -33.07 -30.95
CA VAL A 41 14.66 -34.33 -31.61
C VAL A 41 14.70 -34.10 -33.12
N ASP A 42 13.67 -33.46 -33.70
CA ASP A 42 13.63 -33.15 -35.16
C ASP A 42 14.79 -32.24 -35.55
N LYS A 43 15.35 -31.44 -34.63
CA LYS A 43 16.50 -30.56 -34.92
C LYS A 43 17.82 -31.25 -34.61
N GLY A 44 17.81 -32.50 -34.13
CA GLY A 44 19.04 -33.30 -33.97
C GLY A 44 19.34 -33.66 -32.52
N ALA A 45 18.49 -33.30 -31.56
CA ALA A 45 18.70 -33.68 -30.14
C ALA A 45 18.46 -35.18 -29.99
N THR A 46 19.14 -35.77 -29.01
CA THR A 46 18.81 -37.12 -28.50
C THR A 46 17.79 -36.97 -27.38
N PRO A 47 16.67 -37.72 -27.43
CA PRO A 47 15.71 -37.74 -26.33
C PRO A 47 16.25 -38.53 -25.15
N ALA A 48 15.90 -38.09 -23.94
CA ALA A 48 16.20 -38.84 -22.71
C ALA A 48 14.87 -39.10 -22.00
N ALA A 49 14.77 -40.21 -21.29
CA ALA A 49 13.52 -40.68 -20.65
C ALA A 49 13.26 -39.90 -19.36
N ASN A 50 14.30 -39.31 -18.78
CA ASN A 50 14.19 -38.59 -17.48
C ASN A 50 15.47 -37.79 -17.28
N PRO A 51 15.51 -36.88 -16.27
CA PRO A 51 16.72 -36.08 -16.05
C PRO A 51 18.01 -36.88 -15.83
N ALA A 52 17.94 -37.98 -15.09
CA ALA A 52 19.10 -38.87 -14.82
C ALA A 52 19.73 -39.31 -16.14
N GLN A 53 18.91 -39.80 -17.07
CA GLN A 53 19.40 -40.30 -18.38
C GLN A 53 19.92 -39.10 -19.19
N ALA A 54 19.29 -37.94 -19.13
CA ALA A 54 19.78 -36.74 -19.86
C ALA A 54 21.21 -36.46 -19.40
N ALA A 55 21.47 -36.55 -18.10
CA ALA A 55 22.74 -36.12 -17.46
C ALA A 55 23.87 -37.12 -17.78
N LYS A 56 23.53 -38.38 -18.07
CA LYS A 56 24.53 -39.48 -18.24
C LYS A 56 25.45 -39.08 -19.39
N ASP A 57 26.76 -39.01 -19.12
CA ASP A 57 27.81 -38.69 -20.14
C ASP A 57 27.72 -37.24 -20.62
N ALA A 58 26.97 -36.36 -19.94
CA ALA A 58 26.95 -34.91 -20.31
C ALA A 58 28.08 -34.21 -19.55
N GLU A 59 28.74 -33.27 -20.18
CA GLU A 59 29.72 -32.39 -19.51
C GLU A 59 29.00 -31.21 -18.86
N PHE A 60 28.00 -30.65 -19.54
CA PHE A 60 27.22 -29.50 -19.02
C PHE A 60 25.76 -29.93 -18.94
N ILE A 61 25.14 -29.65 -17.81
CA ILE A 61 23.71 -29.95 -17.57
C ILE A 61 22.99 -28.62 -17.35
N ILE A 62 22.11 -28.25 -18.28
CA ILE A 62 21.33 -26.99 -18.17
C ILE A 62 19.91 -27.34 -17.73
N THR A 63 19.41 -26.60 -16.72
CA THR A 63 17.99 -26.61 -16.34
C THR A 63 17.39 -25.25 -16.64
N MET A 64 16.21 -25.24 -17.23
CA MET A 64 15.40 -24.02 -17.51
C MET A 64 13.97 -24.36 -17.15
N LEU A 65 13.57 -24.07 -15.90
CA LEU A 65 12.27 -24.53 -15.34
C LEU A 65 11.56 -23.38 -14.61
N PRO A 66 10.22 -23.53 -14.43
CA PRO A 66 9.39 -22.43 -13.94
C PRO A 66 9.63 -21.95 -12.50
N ASN A 67 10.13 -22.80 -11.62
CA ASN A 67 10.27 -22.46 -10.19
C ASN A 67 11.27 -23.37 -9.51
N GLY A 68 11.69 -22.98 -8.32
CA GLY A 68 12.74 -23.66 -7.55
C GLY A 68 12.32 -25.05 -7.08
N ASP A 69 11.03 -25.30 -6.81
CA ASP A 69 10.59 -26.66 -6.40
C ASP A 69 10.85 -27.63 -7.58
N LEU A 70 10.51 -27.24 -8.80
CA LEU A 70 10.71 -28.08 -10.00
C LEU A 70 12.22 -28.26 -10.28
N VAL A 71 13.06 -27.23 -10.09
CA VAL A 71 14.52 -27.42 -10.26
C VAL A 71 14.99 -28.44 -9.23
N ARG A 72 14.58 -28.31 -7.97
CA ARG A 72 15.03 -29.28 -6.93
C ARG A 72 14.57 -30.70 -7.32
N ASN A 73 13.34 -30.86 -7.79
CA ASN A 73 12.80 -32.20 -8.15
C ASN A 73 13.62 -32.77 -9.31
N VAL A 74 13.99 -31.95 -10.30
CA VAL A 74 14.76 -32.43 -11.47
C VAL A 74 16.18 -32.80 -11.06
N LEU A 75 16.77 -32.12 -10.08
CA LEU A 75 18.17 -32.38 -9.64
C LEU A 75 18.22 -33.54 -8.64
N PHE A 76 17.32 -33.56 -7.67
CA PHE A 76 17.44 -34.42 -6.45
C PHE A 76 16.31 -35.45 -6.36
N GLY A 77 15.26 -35.34 -7.17
CA GLY A 77 14.10 -36.23 -7.08
C GLY A 77 14.35 -37.60 -7.72
N GLU A 78 13.30 -38.42 -7.78
CA GLU A 78 13.25 -39.71 -8.52
C GLU A 78 13.73 -39.47 -9.96
N ASN A 79 14.71 -40.25 -10.40
CA ASN A 79 15.33 -40.20 -11.75
C ASN A 79 15.89 -38.78 -11.96
N GLY A 80 16.42 -38.17 -10.90
CA GLY A 80 16.97 -36.81 -10.93
C GLY A 80 18.36 -36.76 -11.53
N VAL A 81 18.81 -35.57 -11.92
CA VAL A 81 20.13 -35.36 -12.54
C VAL A 81 21.21 -36.02 -11.71
N CYS A 82 21.16 -35.91 -10.38
CA CYS A 82 22.23 -36.42 -9.48
CA CYS A 82 22.23 -36.42 -9.47
C CYS A 82 22.49 -37.92 -9.71
N GLU A 83 21.47 -38.68 -10.12
CA GLU A 83 21.62 -40.15 -10.39
C GLU A 83 22.46 -40.39 -11.65
N GLY A 84 22.60 -39.41 -12.56
CA GLY A 84 23.36 -39.61 -13.81
C GLY A 84 24.59 -38.73 -13.92
N LEU A 85 24.87 -37.94 -12.90
CA LEU A 85 25.82 -36.80 -13.00
C LEU A 85 27.23 -37.30 -12.70
N SER A 86 28.20 -36.92 -13.53
CA SER A 86 29.66 -37.05 -13.25
C SER A 86 30.13 -35.91 -12.32
N THR A 87 31.11 -36.18 -11.47
CA THR A 87 31.74 -35.15 -10.59
C THR A 87 32.55 -34.16 -11.45
N ASP A 88 32.89 -34.49 -12.69
CA ASP A 88 33.62 -33.57 -13.60
C ASP A 88 32.66 -32.65 -14.37
N ALA A 89 31.36 -32.92 -14.31
CA ALA A 89 30.33 -32.17 -15.07
C ALA A 89 30.06 -30.84 -14.36
N LEU A 90 29.34 -29.95 -15.02
CA LEU A 90 28.95 -28.62 -14.48
C LEU A 90 27.46 -28.45 -14.73
N VAL A 91 26.69 -28.28 -13.66
CA VAL A 91 25.25 -27.96 -13.73
C VAL A 91 25.10 -26.46 -13.80
N ILE A 92 24.30 -25.99 -14.76
CA ILE A 92 23.99 -24.56 -14.99
C ILE A 92 22.47 -24.40 -14.86
N ASP A 93 22.00 -23.80 -13.78
CA ASP A 93 20.56 -23.49 -13.67
C ASP A 93 20.35 -22.12 -14.30
N MET A 94 19.59 -22.08 -15.38
CA MET A 94 19.29 -20.84 -16.10
C MET A 94 17.88 -20.37 -15.75
N SER A 95 17.26 -20.99 -14.75
CA SER A 95 15.88 -20.67 -14.28
C SER A 95 15.92 -19.36 -13.49
N THR A 96 14.78 -18.68 -13.48
CA THR A 96 14.54 -17.55 -12.56
C THR A 96 13.75 -18.12 -11.38
N ILE A 97 14.43 -18.35 -10.26
CA ILE A 97 13.84 -18.96 -9.04
C ILE A 97 14.27 -18.13 -7.82
N HIS A 98 13.81 -18.54 -6.65
CA HIS A 98 14.15 -17.85 -5.39
C HIS A 98 15.65 -17.97 -5.17
N PRO A 99 16.36 -16.86 -4.90
CA PRO A 99 17.81 -16.91 -4.75
C PRO A 99 18.29 -17.73 -3.56
N LEU A 100 17.49 -17.80 -2.48
CA LEU A 100 17.91 -18.62 -1.32
C LEU A 100 17.72 -20.10 -1.67
N GLN A 101 16.82 -20.42 -2.59
CA GLN A 101 16.68 -21.82 -3.11
C GLN A 101 17.91 -22.13 -3.98
N THR A 102 18.34 -21.21 -4.83
CA THR A 102 19.58 -21.37 -5.62
C THR A 102 20.74 -21.70 -4.68
N ASP A 103 20.93 -20.91 -3.61
CA ASP A 103 22.04 -21.13 -2.66
C ASP A 103 21.98 -22.56 -2.11
N LYS A 104 20.78 -23.00 -1.72
CA LYS A 104 20.62 -24.32 -1.09
C LYS A 104 20.87 -25.44 -2.13
N LEU A 105 20.43 -25.27 -3.38
CA LEU A 105 20.72 -26.25 -4.46
C LEU A 105 22.20 -26.35 -4.70
N ILE A 106 22.89 -25.21 -4.78
CA ILE A 106 24.36 -25.19 -5.03
C ILE A 106 25.06 -25.93 -3.88
N ALA A 107 24.70 -25.62 -2.63
CA ALA A 107 25.28 -26.26 -1.42
C ALA A 107 25.02 -27.77 -1.41
N ASP A 108 23.79 -28.18 -1.71
CA ASP A 108 23.38 -29.61 -1.69
C ASP A 108 24.14 -30.37 -2.78
N MET A 109 24.34 -29.76 -3.94
CA MET A 109 25.13 -30.35 -5.04
C MET A 109 26.60 -30.47 -4.57
N GLN A 110 27.16 -29.44 -3.93
CA GLN A 110 28.60 -29.44 -3.51
C GLN A 110 28.79 -30.54 -2.45
N ALA A 111 27.82 -30.77 -1.56
CA ALA A 111 27.86 -31.83 -0.52
C ALA A 111 27.97 -33.21 -1.18
N LYS A 112 27.47 -33.41 -2.39
CA LYS A 112 27.56 -34.69 -3.13
C LYS A 112 28.71 -34.65 -4.14
N GLY A 113 29.62 -33.68 -4.03
CA GLY A 113 30.82 -33.56 -4.89
C GLY A 113 30.50 -33.00 -6.29
N PHE A 114 29.33 -32.41 -6.50
CA PHE A 114 28.90 -31.87 -7.81
C PHE A 114 29.03 -30.35 -7.83
N SER A 115 29.26 -29.80 -9.04
CA SER A 115 29.47 -28.37 -9.30
C SER A 115 28.22 -27.78 -9.96
N MET A 116 27.68 -26.70 -9.39
CA MET A 116 26.47 -26.03 -9.90
C MET A 116 26.66 -24.52 -9.85
N MET A 117 26.22 -23.82 -10.90
CA MET A 117 26.24 -22.35 -10.99
C MET A 117 24.88 -21.87 -11.48
N ASP A 118 24.59 -20.60 -11.19
CA ASP A 118 23.33 -19.92 -11.56
C ASP A 118 23.63 -18.97 -12.72
N VAL A 119 23.01 -19.21 -13.87
CA VAL A 119 23.09 -18.27 -15.03
C VAL A 119 21.70 -18.07 -15.57
N PRO A 120 20.85 -17.30 -14.83
CA PRO A 120 19.59 -16.86 -15.39
C PRO A 120 19.83 -15.87 -16.54
N VAL A 121 18.78 -15.58 -17.29
CA VAL A 121 18.90 -14.78 -18.52
C VAL A 121 17.92 -13.61 -18.48
N GLY A 122 18.38 -12.49 -19.04
CA GLY A 122 17.54 -11.32 -19.30
C GLY A 122 17.15 -11.30 -20.74
N ARG A 123 16.11 -10.51 -21.06
CA ARG A 123 15.43 -10.39 -22.37
C ARG A 123 14.50 -11.60 -22.57
N THR A 124 13.74 -11.61 -23.65
CA THR A 124 12.50 -12.42 -23.75
C THR A 124 12.72 -13.58 -24.74
N SER A 125 11.67 -14.32 -25.04
CA SER A 125 11.77 -15.54 -25.90
C SER A 125 12.18 -15.15 -27.32
N ALA A 126 11.83 -13.95 -27.80
CA ALA A 126 12.26 -13.46 -29.14
C ALA A 126 13.80 -13.47 -29.19
N ASN A 127 14.43 -12.99 -28.12
CA ASN A 127 15.91 -12.98 -27.99
C ASN A 127 16.42 -14.40 -27.81
N ALA A 128 15.66 -15.27 -27.13
CA ALA A 128 16.07 -16.69 -26.95
C ALA A 128 16.20 -17.31 -28.35
N ILE A 129 15.26 -17.02 -29.24
CA ILE A 129 15.25 -17.58 -30.63
C ILE A 129 16.53 -17.16 -31.35
N THR A 130 16.93 -15.88 -31.26
CA THR A 130 18.08 -15.33 -32.03
C THR A 130 19.40 -15.49 -31.27
N GLY A 131 19.41 -16.09 -30.07
CA GLY A 131 20.67 -16.23 -29.32
C GLY A 131 21.20 -14.88 -28.81
N THR A 132 20.32 -13.94 -28.53
CA THR A 132 20.69 -12.56 -28.09
C THR A 132 20.23 -12.29 -26.64
N LEU A 133 20.11 -13.36 -25.83
CA LEU A 133 19.80 -13.20 -24.38
C LEU A 133 20.97 -12.48 -23.70
N LEU A 134 20.64 -11.85 -22.57
CA LEU A 134 21.63 -11.34 -21.61
C LEU A 134 21.92 -12.46 -20.62
N LEU A 135 23.19 -12.89 -20.54
CA LEU A 135 23.60 -13.97 -19.62
C LEU A 135 24.03 -13.32 -18.31
N LEU A 136 23.30 -13.62 -17.23
CA LEU A 136 23.59 -13.09 -15.88
C LEU A 136 24.32 -14.17 -15.10
N ALA A 137 25.65 -14.23 -15.27
CA ALA A 137 26.47 -15.39 -14.90
C ALA A 137 26.92 -15.32 -13.43
N GLY A 138 26.22 -16.07 -12.60
CA GLY A 138 26.71 -16.43 -11.26
C GLY A 138 27.75 -17.53 -11.39
N GLY A 139 28.24 -17.99 -10.27
CA GLY A 139 29.28 -19.02 -10.17
C GLY A 139 30.65 -18.44 -9.85
N THR A 140 31.61 -19.31 -9.56
CA THR A 140 33.02 -18.92 -9.35
C THR A 140 33.58 -18.42 -10.68
N ALA A 141 34.66 -17.65 -10.62
CA ALA A 141 35.40 -17.21 -11.83
C ALA A 141 35.70 -18.44 -12.72
N GLU A 142 36.14 -19.56 -12.13
CA GLU A 142 36.51 -20.82 -12.83
C GLU A 142 35.26 -21.38 -13.55
N GLN A 143 34.11 -21.40 -12.88
CA GLN A 143 32.85 -21.91 -13.48
C GLN A 143 32.44 -21.01 -14.65
N VAL A 144 32.50 -19.68 -14.47
CA VAL A 144 32.05 -18.75 -15.54
C VAL A 144 32.97 -18.94 -16.76
N GLU A 145 34.28 -19.06 -16.52
CA GLU A 145 35.28 -19.26 -17.61
C GLU A 145 34.91 -20.57 -18.35
N ARG A 146 34.69 -21.66 -17.62
CA ARG A 146 34.40 -22.98 -18.23
C ARG A 146 33.08 -22.93 -19.01
N ALA A 147 32.07 -22.24 -18.51
CA ALA A 147 30.72 -22.25 -19.11
C ALA A 147 30.64 -21.31 -20.32
N THR A 148 31.50 -20.30 -20.39
CA THR A 148 31.30 -19.16 -21.32
C THR A 148 31.11 -19.63 -22.75
N PRO A 149 31.96 -20.54 -23.30
CA PRO A 149 31.80 -20.98 -24.70
C PRO A 149 30.40 -21.54 -25.00
N ILE A 150 29.85 -22.33 -24.08
CA ILE A 150 28.46 -22.88 -24.16
C ILE A 150 27.46 -21.73 -24.06
N LEU A 151 27.62 -20.86 -23.07
CA LEU A 151 26.64 -19.78 -22.79
C LEU A 151 26.53 -18.87 -24.01
N MET A 152 27.64 -18.61 -24.73
CA MET A 152 27.62 -17.64 -25.86
C MET A 152 26.86 -18.20 -27.07
N ALA A 153 26.48 -19.48 -27.07
CA ALA A 153 25.57 -20.02 -28.09
C ALA A 153 24.13 -19.53 -27.83
N MET A 154 23.79 -19.19 -26.58
CA MET A 154 22.39 -18.84 -26.19
C MET A 154 22.22 -17.33 -26.00
N GLY A 155 23.30 -16.62 -25.66
CA GLY A 155 23.23 -15.17 -25.43
C GLY A 155 24.34 -14.44 -26.15
N SER A 156 24.17 -13.14 -26.31
CA SER A 156 25.08 -12.25 -27.09
C SER A 156 25.91 -11.41 -26.13
N GLU A 157 25.55 -11.38 -24.85
CA GLU A 157 26.21 -10.51 -23.85
C GLU A 157 26.26 -11.25 -22.52
N LEU A 158 27.44 -11.32 -21.92
CA LEU A 158 27.61 -12.01 -20.64
C LEU A 158 28.04 -10.99 -19.60
N ILE A 159 27.33 -10.95 -18.48
CA ILE A 159 27.74 -10.14 -17.31
C ILE A 159 28.19 -11.09 -16.22
N ASN A 160 29.41 -10.92 -15.73
CA ASN A 160 29.93 -11.73 -14.60
C ASN A 160 29.37 -11.11 -13.32
N ALA A 161 28.44 -11.80 -12.65
CA ALA A 161 27.70 -11.28 -11.50
C ALA A 161 28.59 -11.29 -10.25
N GLY A 162 29.70 -12.04 -10.28
CA GLY A 162 30.79 -11.97 -9.28
C GLY A 162 30.65 -13.01 -8.19
N GLY A 163 29.99 -14.13 -8.44
CA GLY A 163 30.05 -15.24 -7.46
C GLY A 163 28.85 -16.18 -7.57
N PRO A 164 28.94 -17.35 -6.91
CA PRO A 164 27.82 -18.27 -6.78
C PRO A 164 26.61 -17.52 -6.20
N GLY A 165 25.47 -17.61 -6.88
CA GLY A 165 24.21 -17.05 -6.39
C GLY A 165 24.05 -15.59 -6.74
N MET A 166 25.06 -14.96 -7.33
CA MET A 166 25.00 -13.52 -7.70
C MET A 166 24.24 -13.35 -9.01
N GLY A 167 24.18 -14.37 -9.85
CA GLY A 167 23.42 -14.26 -11.10
C GLY A 167 21.93 -14.18 -10.82
N ILE A 168 21.42 -15.11 -10.02
CA ILE A 168 19.97 -15.11 -9.69
C ILE A 168 19.67 -13.84 -8.87
N ARG A 169 20.57 -13.38 -8.02
CA ARG A 169 20.34 -12.14 -7.23
C ARG A 169 20.17 -10.95 -8.16
N VAL A 170 21.06 -10.77 -9.14
CA VAL A 170 20.97 -9.58 -10.01
C VAL A 170 19.76 -9.70 -10.92
N LYS A 171 19.42 -10.92 -11.34
CA LYS A 171 18.17 -11.11 -12.15
C LYS A 171 16.97 -10.70 -11.31
N LEU A 172 16.94 -11.09 -10.05
CA LEU A 172 15.80 -10.79 -9.18
C LEU A 172 15.71 -9.28 -8.92
N ILE A 173 16.83 -8.62 -8.65
CA ILE A 173 16.82 -7.15 -8.41
C ILE A 173 16.34 -6.45 -9.68
N ASN A 174 16.87 -6.83 -10.84
CA ASN A 174 16.46 -6.24 -12.12
C ASN A 174 14.94 -6.37 -12.32
N ASN A 175 14.42 -7.60 -12.21
CA ASN A 175 13.01 -7.89 -12.52
C ASN A 175 12.12 -7.23 -11.44
N TYR A 176 12.53 -7.28 -10.17
CA TYR A 176 11.74 -6.60 -9.12
C TYR A 176 11.53 -5.13 -9.56
N MET A 177 12.63 -4.46 -9.86
CA MET A 177 12.60 -3.02 -10.21
C MET A 177 11.78 -2.81 -11.47
N SER A 178 12.01 -3.54 -12.57
CA SER A 178 11.26 -3.29 -13.81
C SER A 178 9.78 -3.61 -13.60
N ILE A 179 9.45 -4.72 -12.93
CA ILE A 179 8.03 -5.14 -12.82
C ILE A 179 7.25 -4.11 -11.98
N ALA A 180 7.79 -3.71 -10.82
CA ALA A 180 7.16 -2.69 -9.95
C ALA A 180 7.11 -1.35 -10.71
N LEU A 181 8.17 -0.99 -11.44
CA LEU A 181 8.27 0.32 -12.13
C LEU A 181 7.15 0.44 -13.15
N ASN A 182 6.80 -0.67 -13.79
CA ASN A 182 5.71 -0.71 -14.79
C ASN A 182 4.41 -0.23 -14.14
N ALA A 183 4.09 -0.70 -12.94
CA ALA A 183 2.85 -0.32 -12.24
C ALA A 183 2.88 1.17 -11.89
N LEU A 184 4.02 1.68 -11.49
CA LEU A 184 4.13 3.13 -11.14
C LEU A 184 4.02 3.96 -12.42
N SER A 185 4.67 3.53 -13.50
CA SER A 185 4.65 4.20 -14.82
C SER A 185 3.21 4.34 -15.28
N ALA A 186 2.41 3.29 -15.10
CA ALA A 186 0.99 3.28 -15.48
C ALA A 186 0.23 4.35 -14.69
N GLU A 187 0.47 4.47 -13.38
CA GLU A 187 -0.21 5.49 -12.56
C GLU A 187 0.08 6.89 -13.14
N ALA A 188 1.33 7.19 -13.40
CA ALA A 188 1.76 8.51 -13.93
C ALA A 188 1.08 8.75 -15.27
N ALA A 189 1.05 7.75 -16.15
CA ALA A 189 0.47 7.87 -17.51
C ALA A 189 -1.05 8.07 -17.44
N VAL A 190 -1.74 7.39 -16.53
CA VAL A 190 -3.21 7.50 -16.42
C VAL A 190 -3.57 8.85 -15.77
N LEU A 191 -2.80 9.31 -14.78
CA LEU A 191 -3.07 10.64 -14.20
C LEU A 191 -2.86 11.70 -15.31
N CYS A 192 -1.84 11.51 -16.14
CA CYS A 192 -1.54 12.38 -17.30
C CYS A 192 -2.77 12.48 -18.21
N GLU A 193 -3.32 11.34 -18.60
CA GLU A 193 -4.53 11.26 -19.45
C GLU A 193 -5.69 11.95 -18.75
N ALA A 194 -5.90 11.72 -17.45
CA ALA A 194 -7.07 12.29 -16.75
C ALA A 194 -6.93 13.81 -16.68
N LEU A 195 -5.72 14.34 -16.71
CA LEU A 195 -5.48 15.81 -16.67
C LEU A 195 -5.52 16.40 -18.09
N ASN A 196 -5.79 15.56 -19.10
CA ASN A 196 -5.93 15.96 -20.52
C ASN A 196 -4.57 16.45 -21.06
N LEU A 197 -3.48 15.88 -20.58
CA LEU A 197 -2.13 16.24 -21.07
C LEU A 197 -1.70 15.14 -22.03
N PRO A 198 -1.37 15.46 -23.30
CA PRO A 198 -0.86 14.46 -24.22
C PRO A 198 0.37 13.75 -23.64
N PHE A 199 0.34 12.42 -23.70
CA PHE A 199 1.38 11.55 -23.07
C PHE A 199 2.75 11.90 -23.65
N ASP A 200 2.87 12.18 -24.96
CA ASP A 200 4.17 12.43 -25.63
CA ASP A 200 4.20 12.39 -25.59
C ASP A 200 4.88 13.62 -24.96
N VAL A 201 4.09 14.61 -24.51
CA VAL A 201 4.65 15.83 -23.85
C VAL A 201 5.28 15.40 -22.51
N ALA A 202 4.57 14.59 -21.73
CA ALA A 202 5.06 14.07 -20.45
C ALA A 202 6.33 13.25 -20.68
N VAL A 203 6.34 12.37 -21.69
CA VAL A 203 7.53 11.49 -21.92
C VAL A 203 8.73 12.37 -22.31
N LYS A 204 8.50 13.40 -23.13
CA LYS A 204 9.60 14.33 -23.54
C LYS A 204 10.19 14.96 -22.27
N VAL A 205 9.36 15.45 -21.36
CA VAL A 205 9.87 16.11 -20.11
C VAL A 205 10.59 15.06 -19.26
N MET A 206 9.96 13.91 -19.03
CA MET A 206 10.49 12.88 -18.10
C MET A 206 11.81 12.31 -18.63
N SER A 207 11.99 12.26 -19.95
CA SER A 207 13.26 11.72 -20.53
CA SER A 207 13.26 11.72 -20.53
C SER A 207 14.46 12.59 -20.09
N GLY A 208 14.22 13.84 -19.68
CA GLY A 208 15.27 14.78 -19.24
C GLY A 208 15.45 14.85 -17.73
N THR A 209 14.72 14.05 -16.93
CA THR A 209 14.79 14.10 -15.44
C THR A 209 14.92 12.68 -14.89
N ALA A 210 14.99 12.56 -13.57
CA ALA A 210 15.04 11.24 -12.91
C ALA A 210 13.75 10.45 -13.25
N ALA A 211 12.65 11.13 -13.59
CA ALA A 211 11.36 10.47 -13.90
C ALA A 211 11.59 9.41 -14.99
N GLY A 212 12.33 9.79 -16.04
CA GLY A 212 12.58 8.94 -17.24
C GLY A 212 13.97 8.31 -17.22
N LYS A 213 14.93 8.88 -16.50
CA LYS A 213 16.34 8.41 -16.51
C LYS A 213 16.65 7.57 -15.28
N GLY A 214 15.80 7.61 -14.25
CA GLY A 214 16.10 6.87 -13.00
C GLY A 214 16.96 7.71 -12.06
N HIS A 215 16.96 7.36 -10.78
CA HIS A 215 17.74 8.02 -9.70
C HIS A 215 19.13 7.39 -9.58
N PHE A 216 19.27 6.11 -9.95
CA PHE A 216 20.51 5.33 -9.65
C PHE A 216 21.74 6.09 -10.15
N THR A 217 21.66 6.73 -11.31
CA THR A 217 22.86 7.38 -11.94
C THR A 217 22.69 8.90 -12.02
N THR A 218 21.64 9.49 -11.47
CA THR A 218 21.34 10.94 -11.60
C THR A 218 21.41 11.59 -10.22
N SER A 219 20.35 11.45 -9.43
CA SER A 219 20.20 12.14 -8.14
C SER A 219 21.03 11.47 -7.04
N TRP A 220 21.34 10.16 -7.13
CA TRP A 220 21.94 9.41 -6.00
C TRP A 220 23.46 9.54 -5.92
N PRO A 221 24.23 9.43 -7.03
CA PRO A 221 25.68 9.26 -6.92
C PRO A 221 26.39 10.34 -6.08
N ASN A 222 26.08 11.60 -6.29
CA ASN A 222 26.78 12.76 -5.63
C ASN A 222 26.09 13.12 -4.30
N LYS A 223 24.97 12.48 -3.95
CA LYS A 223 24.29 12.75 -2.66
C LYS A 223 24.37 11.50 -1.80
N VAL A 224 23.27 10.75 -1.65
CA VAL A 224 23.24 9.62 -0.68
C VAL A 224 24.43 8.66 -0.92
N LEU A 225 24.77 8.33 -2.16
CA LEU A 225 25.83 7.31 -2.39
C LEU A 225 27.22 7.89 -2.09
N SER A 226 27.35 9.20 -1.93
CA SER A 226 28.60 9.88 -1.48
C SER A 226 28.52 10.21 0.01
N GLY A 227 27.48 9.77 0.72
CA GLY A 227 27.29 10.09 2.15
C GLY A 227 26.95 11.56 2.37
N ASP A 228 26.44 12.26 1.36
CA ASP A 228 26.07 13.69 1.43
C ASP A 228 24.54 13.81 1.31
N LEU A 229 23.88 14.11 2.44
CA LEU A 229 22.39 14.26 2.47
C LEU A 229 21.99 15.73 2.50
N SER A 230 22.93 16.68 2.28
CA SER A 230 22.59 18.11 2.13
C SER A 230 21.66 18.21 0.93
N PRO A 231 20.57 19.01 1.01
CA PRO A 231 19.52 18.95 0.00
C PRO A 231 19.79 19.64 -1.35
N ALA A 232 19.64 18.91 -2.45
CA ALA A 232 19.36 19.51 -3.78
C ALA A 232 17.85 19.71 -3.88
N PHE A 233 17.05 18.74 -3.40
CA PHE A 233 15.58 18.79 -3.40
C PHE A 233 15.11 18.17 -2.09
N MET A 234 14.59 19.01 -1.20
CA MET A 234 14.27 18.58 0.19
C MET A 234 13.12 17.56 0.19
N ILE A 235 13.20 16.61 1.09
CA ILE A 235 12.14 15.62 1.36
C ILE A 235 10.81 16.32 1.64
N ASP A 236 10.81 17.45 2.36
CA ASP A 236 9.55 18.18 2.67
C ASP A 236 8.84 18.60 1.37
N LEU A 237 9.59 19.10 0.39
CA LEU A 237 9.04 19.55 -0.91
C LEU A 237 8.54 18.32 -1.69
N ALA A 238 9.33 17.24 -1.72
CA ALA A 238 8.94 16.02 -2.45
C ALA A 238 7.63 15.50 -1.86
N HIS A 239 7.55 15.46 -0.55
CA HIS A 239 6.34 15.00 0.19
C HIS A 239 5.14 15.88 -0.12
N LYS A 240 5.34 17.21 -0.15
CA LYS A 240 4.24 18.14 -0.49
C LYS A 240 3.74 17.85 -1.92
N ASP A 241 4.65 17.71 -2.88
CA ASP A 241 4.28 17.49 -4.30
C ASP A 241 3.52 16.17 -4.46
N LEU A 242 3.92 15.12 -3.72
CA LEU A 242 3.16 13.83 -3.73
C LEU A 242 1.74 14.07 -3.24
N GLY A 243 1.59 14.90 -2.19
CA GLY A 243 0.26 15.20 -1.66
C GLY A 243 -0.60 15.86 -2.72
N ILE A 244 -0.03 16.78 -3.50
CA ILE A 244 -0.76 17.45 -4.62
C ILE A 244 -1.16 16.40 -5.67
N ALA A 245 -0.23 15.57 -6.11
CA ALA A 245 -0.51 14.49 -7.08
C ALA A 245 -1.66 13.61 -6.57
N LEU A 246 -1.64 13.21 -5.28
CA LEU A 246 -2.68 12.31 -4.73
C LEU A 246 -4.01 13.07 -4.58
N ASP A 247 -3.95 14.36 -4.30
CA ASP A 247 -5.19 15.20 -4.22
C ASP A 247 -5.86 15.19 -5.60
N VAL A 248 -5.08 15.44 -6.64
CA VAL A 248 -5.60 15.48 -8.04
C VAL A 248 -6.12 14.09 -8.41
N ALA A 249 -5.33 13.04 -8.17
CA ALA A 249 -5.71 11.67 -8.55
C ALA A 249 -7.05 11.31 -7.87
N ASN A 250 -7.18 11.65 -6.59
CA ASN A 250 -8.39 11.33 -5.81
C ASN A 250 -9.59 12.16 -6.30
N GLN A 251 -9.38 13.39 -6.74
CA GLN A 251 -10.48 14.20 -7.33
C GLN A 251 -10.89 13.62 -8.68
N LEU A 252 -9.95 13.10 -9.45
CA LEU A 252 -10.20 12.58 -10.84
C LEU A 252 -10.46 11.07 -10.85
N HIS A 253 -10.59 10.44 -9.69
CA HIS A 253 -10.75 8.96 -9.52
C HIS A 253 -9.75 8.17 -10.38
N VAL A 254 -8.48 8.55 -10.29
CA VAL A 254 -7.36 7.72 -10.81
C VAL A 254 -6.72 7.04 -9.61
N PRO A 255 -6.95 5.72 -9.40
CA PRO A 255 -6.36 5.02 -8.26
C PRO A 255 -4.85 4.96 -8.43
N MET A 256 -4.13 5.38 -7.40
CA MET A 256 -2.65 5.41 -7.43
C MET A 256 -2.10 4.75 -6.17
N PRO A 257 -2.23 3.41 -6.05
CA PRO A 257 -1.75 2.72 -4.85
C PRO A 257 -0.24 2.88 -4.62
N LEU A 258 0.61 2.85 -5.67
CA LEU A 258 2.06 2.96 -5.43
C LEU A 258 2.38 4.40 -4.97
N GLY A 259 1.73 5.40 -5.56
CA GLY A 259 1.90 6.80 -5.11
C GLY A 259 1.46 6.98 -3.68
N ALA A 260 0.29 6.43 -3.32
CA ALA A 260 -0.26 6.50 -1.95
C ALA A 260 0.76 5.86 -0.99
N ALA A 261 1.27 4.68 -1.32
CA ALA A 261 2.29 3.99 -0.48
C ALA A 261 3.54 4.86 -0.40
N SER A 262 3.96 5.47 -1.51
CA SER A 262 5.23 6.24 -1.52
C SER A 262 5.12 7.44 -0.60
N ARG A 263 3.95 8.10 -0.55
CA ARG A 263 3.84 9.29 0.33
C ARG A 263 4.01 8.88 1.80
N GLU A 264 3.50 7.73 2.22
CA GLU A 264 3.63 7.29 3.64
C GLU A 264 5.10 6.92 3.92
N VAL A 265 5.89 6.53 2.91
CA VAL A 265 7.36 6.34 3.05
C VAL A 265 8.01 7.71 3.30
N TYR A 266 7.68 8.71 2.50
CA TYR A 266 8.23 10.07 2.73
C TYR A 266 7.78 10.59 4.10
N SER A 267 6.55 10.28 4.51
CA SER A 267 6.00 10.70 5.82
C SER A 267 6.85 10.11 6.95
N GLN A 268 7.21 8.83 6.81
CA GLN A 268 8.10 8.18 7.80
C GLN A 268 9.48 8.86 7.82
N ALA A 269 10.02 9.22 6.67
CA ALA A 269 11.29 9.95 6.60
C ALA A 269 11.15 11.28 7.36
N ARG A 270 10.05 12.02 7.18
CA ARG A 270 9.83 13.29 7.90
C ARG A 270 9.72 13.00 9.40
N ALA A 271 9.04 11.93 9.82
CA ALA A 271 8.94 11.55 11.24
C ALA A 271 10.35 11.26 11.80
N ALA A 272 11.25 10.73 10.99
CA ALA A 272 12.62 10.39 11.42
C ALA A 272 13.53 11.63 11.37
N GLY A 273 13.01 12.82 11.05
CA GLY A 273 13.78 14.09 11.09
C GLY A 273 14.46 14.40 9.77
N ARG A 274 14.10 13.76 8.66
CA ARG A 274 14.81 13.89 7.35
C ARG A 274 14.15 14.93 6.43
N GLY A 275 13.16 15.69 6.88
CA GLY A 275 12.43 16.64 6.00
C GLY A 275 13.33 17.64 5.28
N ARG A 276 14.43 18.05 5.89
CA ARG A 276 15.37 19.05 5.28
C ARG A 276 16.53 18.34 4.57
N GLN A 277 16.53 17.01 4.53
CA GLN A 277 17.57 16.23 3.79
C GLN A 277 17.21 16.15 2.31
N ASP A 278 18.22 15.89 1.49
CA ASP A 278 18.03 15.62 0.04
C ASP A 278 17.05 14.46 -0.14
N TRP A 279 16.26 14.46 -1.20
CA TRP A 279 15.34 13.33 -1.49
C TRP A 279 16.10 11.99 -1.60
N SER A 280 17.37 11.98 -1.99
CA SER A 280 18.14 10.71 -2.08
C SER A 280 18.30 10.08 -0.68
N ALA A 281 18.07 10.82 0.40
CA ALA A 281 18.15 10.27 1.77
C ALA A 281 17.05 9.22 1.97
N ILE A 282 16.02 9.17 1.13
CA ILE A 282 15.01 8.09 1.20
C ILE A 282 15.73 6.72 1.18
N LEU A 283 16.84 6.57 0.46
CA LEU A 283 17.59 5.29 0.46
C LEU A 283 18.04 4.97 1.88
N GLU A 284 18.62 5.94 2.60
CA GLU A 284 19.07 5.70 4.00
C GLU A 284 17.86 5.38 4.89
N GLN A 285 16.74 6.06 4.70
CA GLN A 285 15.49 5.77 5.46
C GLN A 285 15.12 4.29 5.27
N VAL A 286 15.08 3.81 4.02
CA VAL A 286 14.72 2.40 3.75
C VAL A 286 15.76 1.44 4.38
N ARG A 287 17.05 1.78 4.34
CA ARG A 287 18.11 0.93 4.96
C ARG A 287 17.82 0.80 6.46
N VAL A 288 17.52 1.93 7.12
CA VAL A 288 17.22 1.92 8.58
C VAL A 288 15.95 1.11 8.83
N SER A 289 14.91 1.29 8.01
CA SER A 289 13.64 0.55 8.16
C SER A 289 13.91 -0.96 8.05
N ALA A 290 14.90 -1.36 7.25
CA ALA A 290 15.32 -2.76 7.02
C ALA A 290 16.28 -3.25 8.10
N GLY A 291 16.56 -2.48 9.14
CA GLY A 291 17.39 -2.91 10.28
C GLY A 291 18.88 -2.87 9.97
N MET A 292 19.28 -2.16 8.92
CA MET A 292 20.72 -2.05 8.56
C MET A 292 21.39 -0.95 9.38
N THR A 293 22.70 -1.05 9.57
CA THR A 293 23.57 -0.01 10.21
C THR A 293 23.55 1.27 9.37
N ALA A 294 23.15 2.38 10.00
CA ALA A 294 23.16 3.74 9.40
C ALA A 294 24.53 4.02 8.77
N LYS A 295 24.51 4.75 7.64
CA LYS A 295 25.67 5.19 6.83
C LYS A 295 26.06 6.62 7.25
N ALA B 2 13.79 44.18 -20.70
CA ALA B 2 12.36 44.45 -20.41
C ALA B 2 12.17 44.81 -18.93
N ALA B 3 11.04 45.44 -18.62
CA ALA B 3 10.61 45.79 -17.25
C ALA B 3 9.88 44.58 -16.66
N ILE B 4 10.43 44.01 -15.59
CA ILE B 4 9.92 42.75 -14.98
C ILE B 4 9.65 42.98 -13.50
N ALA B 5 8.52 42.50 -13.01
CA ALA B 5 8.25 42.35 -11.56
C ALA B 5 8.51 40.88 -11.18
N PHE B 6 9.20 40.64 -10.08
CA PHE B 6 9.47 39.28 -9.58
C PHE B 6 8.98 39.20 -8.13
N ILE B 7 7.99 38.36 -7.88
CA ILE B 7 7.42 38.15 -6.53
C ILE B 7 7.70 36.71 -6.09
N GLY B 8 8.47 36.58 -5.03
CA GLY B 8 8.88 35.26 -4.50
C GLY B 8 10.36 35.08 -4.68
N LEU B 9 11.11 35.31 -3.60
CA LEU B 9 12.58 35.30 -3.64
C LEU B 9 13.11 34.17 -2.76
N GLY B 10 12.48 32.98 -2.87
CA GLY B 10 12.92 31.78 -2.14
C GLY B 10 14.13 31.12 -2.78
N GLN B 11 14.37 29.85 -2.45
CA GLN B 11 15.62 29.13 -2.86
C GLN B 11 15.66 29.09 -4.39
N MET B 12 14.51 29.02 -5.06
CA MET B 12 14.43 29.04 -6.54
C MET B 12 14.32 30.49 -7.06
N GLY B 13 13.41 31.27 -6.48
CA GLY B 13 13.08 32.64 -6.95
C GLY B 13 14.29 33.57 -6.99
N SER B 14 15.10 33.56 -5.92
CA SER B 14 16.26 34.49 -5.79
C SER B 14 17.22 34.31 -6.97
N PRO B 15 17.76 33.10 -7.23
CA PRO B 15 18.66 32.92 -8.37
C PRO B 15 17.99 33.15 -9.74
N MET B 16 16.71 32.86 -9.88
CA MET B 16 15.96 33.11 -11.14
C MET B 16 15.93 34.64 -11.38
N ALA B 17 15.52 35.41 -10.38
CA ALA B 17 15.52 36.90 -10.45
C ALA B 17 16.94 37.39 -10.76
N SER B 18 17.94 36.80 -10.11
CA SER B 18 19.37 37.18 -10.28
C SER B 18 19.78 37.03 -11.75
N ASN B 19 19.37 35.95 -12.40
CA ASN B 19 19.70 35.70 -13.83
C ASN B 19 18.99 36.71 -14.72
N LEU B 20 17.78 37.11 -14.40
CA LEU B 20 17.10 38.15 -15.20
C LEU B 20 17.91 39.46 -15.15
N LEU B 21 18.41 39.85 -13.98
CA LEU B 21 19.26 41.06 -13.79
C LEU B 21 20.52 40.94 -14.66
N GLN B 22 21.17 39.77 -14.66
CA GLN B 22 22.42 39.50 -15.41
C GLN B 22 22.17 39.71 -16.91
N GLN B 23 20.97 39.39 -17.41
CA GLN B 23 20.63 39.48 -18.85
C GLN B 23 20.11 40.89 -19.16
N GLY B 24 20.21 41.82 -18.20
CA GLY B 24 20.01 43.26 -18.44
C GLY B 24 18.57 43.74 -18.29
N HIS B 25 17.69 42.93 -17.74
CA HIS B 25 16.29 43.35 -17.42
C HIS B 25 16.32 44.23 -16.17
N GLN B 26 15.35 45.15 -16.08
CA GLN B 26 15.09 46.02 -14.90
C GLN B 26 14.03 45.31 -14.06
N LEU B 27 14.39 44.91 -12.84
CA LEU B 27 13.49 44.14 -11.94
C LEU B 27 13.02 45.02 -10.78
N ARG B 28 11.72 44.95 -10.52
CA ARG B 28 11.09 45.36 -9.24
C ARG B 28 10.79 44.05 -8.52
N VAL B 29 11.35 43.85 -7.33
CA VAL B 29 11.18 42.57 -6.58
C VAL B 29 10.36 42.81 -5.32
N PHE B 30 9.61 41.81 -4.93
CA PHE B 30 8.88 41.80 -3.65
C PHE B 30 8.98 40.39 -3.07
N ASP B 31 9.23 40.36 -1.77
CA ASP B 31 9.06 39.15 -0.93
C ASP B 31 8.80 39.63 0.49
N VAL B 32 8.13 38.85 1.33
CA VAL B 32 7.92 39.18 2.77
C VAL B 32 9.26 39.03 3.52
N ASN B 33 10.20 38.26 2.98
CA ASN B 33 11.56 38.01 3.56
C ASN B 33 12.52 39.13 3.17
N ALA B 34 12.83 40.03 4.11
CA ALA B 34 13.60 41.26 3.84
C ALA B 34 15.03 40.91 3.43
N GLU B 35 15.62 39.82 3.96
CA GLU B 35 17.01 39.41 3.63
C GLU B 35 17.08 39.04 2.14
N ALA B 36 16.06 38.31 1.65
CA ALA B 36 16.02 37.90 0.23
C ALA B 36 15.93 39.16 -0.65
N VAL B 37 15.10 40.13 -0.25
CA VAL B 37 14.94 41.41 -1.00
C VAL B 37 16.30 42.14 -1.04
N ARG B 38 16.95 42.28 0.12
CA ARG B 38 18.23 43.01 0.25
C ARG B 38 19.26 42.41 -0.72
N HIS B 39 19.34 41.07 -0.78
CA HIS B 39 20.30 40.37 -1.68
C HIS B 39 20.07 40.76 -3.14
N LEU B 40 18.81 40.88 -3.57
CA LEU B 40 18.48 41.22 -4.98
C LEU B 40 18.73 42.72 -5.21
N VAL B 41 18.39 43.55 -4.22
CA VAL B 41 18.65 45.02 -4.31
C VAL B 41 20.16 45.24 -4.50
N ASP B 42 21.02 44.52 -3.76
CA ASP B 42 22.49 44.61 -3.93
C ASP B 42 22.93 44.27 -5.36
N LYS B 43 22.15 43.44 -6.09
CA LYS B 43 22.50 43.03 -7.47
C LYS B 43 21.84 43.97 -8.49
N GLY B 44 21.08 44.97 -8.06
CA GLY B 44 20.55 46.02 -8.94
C GLY B 44 19.05 46.02 -9.06
N ALA B 45 18.34 45.15 -8.32
CA ALA B 45 16.87 45.15 -8.33
C ALA B 45 16.39 46.38 -7.56
N THR B 46 15.22 46.89 -7.95
CA THR B 46 14.48 47.92 -7.19
C THR B 46 13.52 47.19 -6.27
N PRO B 47 13.51 47.51 -4.96
CA PRO B 47 12.54 46.93 -4.04
C PRO B 47 11.16 47.55 -4.22
N ALA B 48 10.12 46.76 -3.99
CA ALA B 48 8.72 47.21 -4.01
C ALA B 48 8.11 46.89 -2.66
N ALA B 49 7.16 47.70 -2.19
CA ALA B 49 6.53 47.55 -0.86
C ALA B 49 5.50 46.42 -0.89
N ASN B 50 5.00 46.07 -2.07
CA ASN B 50 3.91 45.08 -2.21
C ASN B 50 3.81 44.68 -3.68
N PRO B 51 3.07 43.60 -3.98
CA PRO B 51 2.94 43.15 -5.37
C PRO B 51 2.41 44.21 -6.36
N ALA B 52 1.40 44.99 -5.95
CA ALA B 52 0.82 46.08 -6.79
C ALA B 52 1.92 47.02 -7.27
N GLN B 53 2.79 47.48 -6.37
CA GLN B 53 3.89 48.41 -6.72
C GLN B 53 4.90 47.69 -7.61
N ALA B 54 5.20 46.42 -7.33
CA ALA B 54 6.12 45.65 -8.18
C ALA B 54 5.60 45.67 -9.64
N ALA B 55 4.29 45.48 -9.81
CA ALA B 55 3.64 45.27 -11.13
C ALA B 55 3.57 46.57 -11.94
N LYS B 56 3.57 47.74 -11.27
CA LYS B 56 3.32 49.05 -11.93
C LYS B 56 4.38 49.25 -13.03
N ASP B 57 3.94 49.42 -14.27
CA ASP B 57 4.81 49.71 -15.45
C ASP B 57 5.64 48.47 -15.84
N ALA B 58 5.35 47.28 -15.30
CA ALA B 58 6.08 46.05 -15.66
C ALA B 58 5.42 45.45 -16.90
N GLU B 59 6.23 44.93 -17.81
CA GLU B 59 5.72 44.19 -19.00
C GLU B 59 5.46 42.73 -18.60
N PHE B 60 6.37 42.15 -17.81
CA PHE B 60 6.27 40.73 -17.35
C PHE B 60 6.20 40.72 -15.83
N ILE B 61 5.25 39.97 -15.28
CA ILE B 61 5.11 39.76 -13.81
C ILE B 61 5.36 38.27 -13.54
N ILE B 62 6.43 37.93 -12.83
CA ILE B 62 6.74 36.52 -12.46
C ILE B 62 6.39 36.29 -10.99
N THR B 63 5.66 35.22 -10.70
CA THR B 63 5.45 34.70 -9.33
C THR B 63 6.17 33.36 -9.18
N MET B 64 6.89 33.20 -8.07
CA MET B 64 7.53 31.92 -7.68
C MET B 64 7.28 31.75 -6.17
N LEU B 65 6.21 31.04 -5.83
CA LEU B 65 5.71 30.94 -4.44
C LEU B 65 5.40 29.49 -4.06
N PRO B 66 5.35 29.20 -2.75
CA PRO B 66 5.24 27.82 -2.26
C PRO B 66 3.94 27.08 -2.57
N ASN B 67 2.83 27.79 -2.76
CA ASN B 67 1.52 27.10 -2.96
C ASN B 67 0.53 28.05 -3.63
N GLY B 68 -0.58 27.47 -4.10
CA GLY B 68 -1.60 28.18 -4.88
C GLY B 68 -2.33 29.25 -4.07
N ASP B 69 -2.52 29.07 -2.75
CA ASP B 69 -3.18 30.10 -1.91
C ASP B 69 -2.32 31.37 -1.89
N LEU B 70 -1.00 31.23 -1.74
CA LEU B 70 -0.07 32.38 -1.74
C LEU B 70 -0.04 33.04 -3.12
N VAL B 71 -0.05 32.27 -4.21
CA VAL B 71 -0.11 32.88 -5.58
C VAL B 71 -1.41 33.70 -5.69
N ARG B 72 -2.54 33.13 -5.29
CA ARG B 72 -3.84 33.84 -5.38
C ARG B 72 -3.77 35.13 -4.56
N ASN B 73 -3.22 35.07 -3.35
CA ASN B 73 -3.16 36.25 -2.45
C ASN B 73 -2.29 37.33 -3.11
N VAL B 74 -1.17 36.96 -3.74
CA VAL B 74 -0.24 37.94 -4.37
C VAL B 74 -0.92 38.56 -5.61
N LEU B 75 -1.75 37.80 -6.33
CA LEU B 75 -2.39 38.31 -7.58
C LEU B 75 -3.65 39.12 -7.26
N PHE B 76 -4.50 38.61 -6.37
CA PHE B 76 -5.89 39.10 -6.16
C PHE B 76 -6.10 39.71 -4.77
N GLY B 77 -5.17 39.55 -3.83
CA GLY B 77 -5.34 40.05 -2.45
C GLY B 77 -5.08 41.54 -2.31
N GLU B 78 -5.09 42.04 -1.06
CA GLU B 78 -4.77 43.45 -0.70
C GLU B 78 -3.40 43.81 -1.29
N ASN B 79 -3.35 44.91 -2.06
CA ASN B 79 -2.12 45.41 -2.74
C ASN B 79 -1.58 44.31 -3.67
N GLY B 80 -2.48 43.54 -4.29
CA GLY B 80 -2.17 42.45 -5.20
C GLY B 80 -1.74 42.96 -6.57
N VAL B 81 -1.12 42.07 -7.35
CA VAL B 81 -0.59 42.40 -8.70
C VAL B 81 -1.70 43.08 -9.53
N CYS B 82 -2.94 42.59 -9.45
CA CYS B 82 -4.07 43.08 -10.29
C CYS B 82 -4.26 44.59 -10.12
N GLU B 83 -3.96 45.16 -8.94
CA GLU B 83 -4.10 46.62 -8.67
C GLU B 83 -3.05 47.42 -9.44
N GLY B 84 -1.94 46.82 -9.89
CA GLY B 84 -0.85 47.55 -10.57
C GLY B 84 -0.65 47.10 -12.01
N LEU B 85 -1.47 46.16 -12.48
CA LEU B 85 -1.20 45.41 -13.73
C LEU B 85 -1.81 46.15 -14.91
N SER B 86 -1.01 46.31 -15.98
CA SER B 86 -1.48 46.73 -17.33
C SER B 86 -2.15 45.55 -18.06
N THR B 87 -3.17 45.81 -18.88
CA THR B 87 -3.82 44.76 -19.72
C THR B 87 -2.86 44.28 -20.82
N ASP B 88 -1.80 45.02 -21.12
CA ASP B 88 -0.77 44.63 -22.13
C ASP B 88 0.33 43.77 -21.50
N ALA B 89 0.36 43.65 -20.17
CA ALA B 89 1.41 42.90 -19.46
C ALA B 89 1.12 41.39 -19.55
N LEU B 90 2.10 40.56 -19.19
CA LEU B 90 1.95 39.08 -19.17
C LEU B 90 2.42 38.57 -17.81
N VAL B 91 1.53 37.91 -17.10
CA VAL B 91 1.83 37.27 -15.79
C VAL B 91 2.30 35.83 -16.07
N ILE B 92 3.43 35.46 -15.48
CA ILE B 92 4.03 34.09 -15.60
C ILE B 92 4.09 33.48 -14.20
N ASP B 93 3.27 32.50 -13.90
CA ASP B 93 3.40 31.78 -12.59
C ASP B 93 4.37 30.63 -12.80
N MET B 94 5.51 30.69 -12.13
CA MET B 94 6.55 29.64 -12.24
C MET B 94 6.49 28.70 -11.03
N SER B 95 5.45 28.82 -10.20
CA SER B 95 5.23 28.02 -8.98
C SER B 95 4.83 26.59 -9.35
N THR B 96 5.12 25.66 -8.47
CA THR B 96 4.54 24.30 -8.52
C THR B 96 3.35 24.27 -7.57
N ILE B 97 2.13 24.32 -8.12
CA ILE B 97 0.86 24.37 -7.35
C ILE B 97 -0.13 23.37 -7.95
N HIS B 98 -1.32 23.26 -7.38
CA HIS B 98 -2.40 22.39 -7.89
CA HIS B 98 -2.40 22.39 -7.89
C HIS B 98 -2.78 22.86 -9.29
N PRO B 99 -2.81 21.97 -10.31
CA PRO B 99 -3.15 22.40 -11.66
C PRO B 99 -4.56 23.00 -11.80
N LEU B 100 -5.53 22.55 -11.02
CA LEU B 100 -6.90 23.13 -11.07
C LEU B 100 -6.88 24.52 -10.42
N GLN B 101 -5.94 24.81 -9.51
CA GLN B 101 -5.74 26.20 -8.98
C GLN B 101 -5.15 27.08 -10.09
N THR B 102 -4.16 26.57 -10.82
CA THR B 102 -3.58 27.29 -11.98
C THR B 102 -4.71 27.65 -12.97
N ASP B 103 -5.56 26.69 -13.32
CA ASP B 103 -6.66 26.92 -14.30
C ASP B 103 -7.53 28.07 -13.80
N LYS B 104 -7.89 28.05 -12.52
CA LYS B 104 -8.82 29.06 -11.95
C LYS B 104 -8.12 30.43 -11.90
N LEU B 105 -6.83 30.49 -11.59
CA LEU B 105 -6.09 31.78 -11.59
C LEU B 105 -6.05 32.35 -13.00
N ILE B 106 -5.74 31.52 -14.00
CA ILE B 106 -5.67 31.99 -15.41
C ILE B 106 -7.05 32.52 -15.82
N ALA B 107 -8.12 31.78 -15.52
CA ALA B 107 -9.51 32.18 -15.85
C ALA B 107 -9.88 33.49 -15.14
N ASP B 108 -9.56 33.61 -13.85
CA ASP B 108 -9.91 34.81 -13.03
C ASP B 108 -9.15 36.02 -13.56
N MET B 109 -7.89 35.84 -13.99
CA MET B 109 -7.09 36.91 -14.61
C MET B 109 -7.72 37.30 -15.95
N GLN B 110 -8.12 36.33 -16.77
CA GLN B 110 -8.71 36.61 -18.12
C GLN B 110 -10.04 37.37 -17.94
N ALA B 111 -10.83 37.05 -16.92
CA ALA B 111 -12.10 37.75 -16.58
C ALA B 111 -11.85 39.23 -16.30
N LYS B 112 -10.67 39.61 -15.79
CA LYS B 112 -10.31 41.02 -15.50
C LYS B 112 -9.49 41.61 -16.67
N GLY B 113 -9.42 40.92 -17.81
CA GLY B 113 -8.74 41.38 -19.04
C GLY B 113 -7.22 41.22 -18.95
N PHE B 114 -6.73 40.40 -18.02
CA PHE B 114 -5.27 40.17 -17.84
C PHE B 114 -4.88 38.82 -18.43
N SER B 115 -3.63 38.73 -18.91
CA SER B 115 -3.04 37.54 -19.56
C SER B 115 -2.09 36.84 -18.57
N MET B 116 -2.31 35.55 -18.32
CA MET B 116 -1.49 34.75 -17.38
C MET B 116 -1.18 33.39 -18.01
N MET B 117 0.04 32.93 -17.86
CA MET B 117 0.48 31.59 -18.31
C MET B 117 1.22 30.89 -17.15
N ASP B 118 1.31 29.57 -17.24
CA ASP B 118 1.99 28.70 -16.24
C ASP B 118 3.30 28.20 -16.82
N VAL B 119 4.42 28.59 -16.22
CA VAL B 119 5.76 28.09 -16.63
C VAL B 119 6.51 27.67 -15.39
N PRO B 120 6.12 26.51 -14.79
CA PRO B 120 6.95 25.92 -13.75
C PRO B 120 8.25 25.38 -14.36
N VAL B 121 9.18 24.98 -13.52
CA VAL B 121 10.54 24.60 -13.93
C VAL B 121 10.92 23.23 -13.37
N GLY B 122 11.71 22.49 -14.13
CA GLY B 122 12.42 21.28 -13.67
C GLY B 122 13.85 21.63 -13.31
N ARG B 123 14.47 20.73 -12.53
CA ARG B 123 15.85 20.83 -11.97
C ARG B 123 15.84 21.74 -10.76
N THR B 124 16.96 21.83 -10.03
CA THR B 124 16.95 22.29 -8.61
C THR B 124 17.62 23.67 -8.51
N SER B 125 17.85 24.15 -7.30
CA SER B 125 18.32 25.54 -7.08
C SER B 125 19.73 25.72 -7.66
N ALA B 126 20.57 24.68 -7.69
CA ALA B 126 21.93 24.75 -8.30
C ALA B 126 21.78 25.16 -9.77
N ASN B 127 20.81 24.58 -10.48
CA ASN B 127 20.50 24.91 -11.89
C ASN B 127 19.87 26.30 -11.96
N ALA B 128 19.09 26.70 -10.95
CA ALA B 128 18.49 28.05 -10.92
C ALA B 128 19.63 29.07 -10.92
N ILE B 129 20.69 28.82 -10.14
CA ILE B 129 21.86 29.75 -10.02
C ILE B 129 22.51 29.90 -11.41
N THR B 130 22.72 28.81 -12.15
CA THR B 130 23.46 28.82 -13.43
C THR B 130 22.52 29.09 -14.62
N GLY B 131 21.21 29.30 -14.42
CA GLY B 131 20.28 29.56 -15.53
C GLY B 131 20.07 28.34 -16.42
N THR B 132 20.18 27.14 -15.85
CA THR B 132 20.07 25.85 -16.59
C THR B 132 18.82 25.07 -16.17
N LEU B 133 17.78 25.77 -15.70
CA LEU B 133 16.46 25.14 -15.41
C LEU B 133 15.83 24.62 -16.71
N LEU B 134 14.97 23.63 -16.56
CA LEU B 134 14.07 23.15 -17.62
C LEU B 134 12.78 23.95 -17.55
N LEU B 135 12.44 24.69 -18.59
CA LEU B 135 11.23 25.55 -18.61
C LEU B 135 10.08 24.74 -19.19
N LEU B 136 9.05 24.51 -18.37
CA LEU B 136 7.85 23.73 -18.75
C LEU B 136 6.75 24.73 -19.09
N ALA B 137 6.75 25.20 -20.35
CA ALA B 137 5.98 26.38 -20.77
C ALA B 137 4.53 26.01 -21.14
N GLY B 138 3.62 26.26 -20.21
CA GLY B 138 2.18 26.34 -20.50
C GLY B 138 1.88 27.67 -21.15
N GLY B 139 0.62 27.92 -21.43
CA GLY B 139 0.14 29.14 -22.11
C GLY B 139 -0.18 28.90 -23.58
N THR B 140 -0.80 29.88 -24.22
CA THR B 140 -1.10 29.84 -25.67
C THR B 140 0.23 29.92 -26.43
N ALA B 141 0.22 29.53 -27.69
CA ALA B 141 1.38 29.68 -28.60
C ALA B 141 1.89 31.14 -28.55
N GLU B 142 0.98 32.13 -28.59
CA GLU B 142 1.31 33.59 -28.57
C GLU B 142 2.01 33.91 -27.23
N GLN B 143 1.50 33.41 -26.10
CA GLN B 143 2.11 33.70 -24.78
C GLN B 143 3.51 33.07 -24.72
N VAL B 144 3.67 31.84 -25.17
CA VAL B 144 4.99 31.15 -25.10
C VAL B 144 5.98 31.94 -25.96
N GLU B 145 5.56 32.35 -27.16
CA GLU B 145 6.41 33.11 -28.11
C GLU B 145 6.84 34.40 -27.39
N ARG B 146 5.90 35.14 -26.82
CA ARG B 146 6.20 36.44 -26.16
C ARG B 146 7.14 36.24 -24.97
N ALA B 147 6.94 35.19 -24.18
CA ALA B 147 7.70 35.00 -22.91
C ALA B 147 9.09 34.44 -23.16
N THR B 148 9.32 33.77 -24.29
CA THR B 148 10.50 32.90 -24.47
C THR B 148 11.79 33.67 -24.22
N PRO B 149 11.99 34.90 -24.77
CA PRO B 149 13.22 35.65 -24.55
C PRO B 149 13.54 35.85 -23.06
N ILE B 150 12.53 36.18 -22.25
CA ILE B 150 12.61 36.32 -20.77
C ILE B 150 12.95 34.96 -20.15
N LEU B 151 12.21 33.92 -20.52
CA LEU B 151 12.34 32.57 -19.90
C LEU B 151 13.77 32.06 -20.11
N MET B 152 14.38 32.33 -21.28
CA MET B 152 15.71 31.75 -21.61
C MET B 152 16.82 32.41 -20.76
N ALA B 153 16.52 33.47 -20.00
CA ALA B 153 17.48 34.03 -19.01
C ALA B 153 17.56 33.11 -17.80
N MET B 154 16.51 32.33 -17.51
CA MET B 154 16.42 31.53 -16.26
C MET B 154 16.62 30.03 -16.53
N GLY B 155 16.35 29.59 -17.75
CA GLY B 155 16.52 28.18 -18.14
C GLY B 155 17.27 28.02 -19.44
N SER B 156 17.81 26.82 -19.66
CA SER B 156 18.67 26.47 -20.81
C SER B 156 17.88 25.65 -21.84
N GLU B 157 16.69 25.18 -21.47
CA GLU B 157 15.85 24.36 -22.36
C GLU B 157 14.39 24.69 -22.08
N LEU B 158 13.63 24.98 -23.12
CA LEU B 158 12.18 25.24 -23.02
C LEU B 158 11.43 24.12 -23.74
N ILE B 159 10.48 23.53 -23.03
CA ILE B 159 9.53 22.56 -23.63
C ILE B 159 8.17 23.24 -23.73
N ASN B 160 7.58 23.24 -24.91
CA ASN B 160 6.24 23.80 -25.12
C ASN B 160 5.24 22.73 -24.69
N ALA B 161 4.53 22.95 -23.59
CA ALA B 161 3.64 21.95 -22.98
C ALA B 161 2.34 21.85 -23.78
N GLY B 162 2.04 22.85 -24.62
CA GLY B 162 0.97 22.79 -25.65
C GLY B 162 -0.32 23.41 -25.19
N GLY B 163 -0.30 24.35 -24.23
CA GLY B 163 -1.51 25.11 -23.92
C GLY B 163 -1.53 25.64 -22.49
N PRO B 164 -2.49 26.55 -22.20
CA PRO B 164 -2.74 27.04 -20.84
C PRO B 164 -2.90 25.84 -19.89
N GLY B 165 -2.16 25.83 -18.80
CA GLY B 165 -2.33 24.83 -17.72
C GLY B 165 -1.58 23.54 -18.01
N MET B 166 -0.98 23.40 -19.20
CA MET B 166 -0.25 22.18 -19.58
C MET B 166 1.14 22.19 -18.95
N GLY B 167 1.69 23.37 -18.63
CA GLY B 167 3.01 23.42 -17.99
C GLY B 167 2.93 22.85 -16.58
N ILE B 168 1.99 23.33 -15.79
CA ILE B 168 1.83 22.83 -14.39
C ILE B 168 1.45 21.35 -14.45
N ARG B 169 0.63 20.92 -15.42
CA ARG B 169 0.24 19.49 -15.54
C ARG B 169 1.50 18.63 -15.76
N VAL B 170 2.37 19.00 -16.68
CA VAL B 170 3.54 18.14 -17.00
C VAL B 170 4.52 18.20 -15.84
N LYS B 171 4.62 19.33 -15.15
CA LYS B 171 5.49 19.41 -13.95
C LYS B 171 4.96 18.44 -12.90
N LEU B 172 3.65 18.41 -12.70
CA LEU B 172 3.05 17.52 -11.68
C LEU B 172 3.28 16.05 -12.07
N ILE B 173 3.08 15.69 -13.33
CA ILE B 173 3.29 14.28 -13.80
C ILE B 173 4.76 13.92 -13.61
N ASN B 174 5.68 14.79 -14.01
CA ASN B 174 7.12 14.56 -13.88
C ASN B 174 7.48 14.31 -12.42
N ASN B 175 7.09 15.22 -11.53
CA ASN B 175 7.49 15.15 -10.11
C ASN B 175 6.80 13.97 -9.45
N TYR B 176 5.54 13.71 -9.76
CA TYR B 176 4.86 12.51 -9.22
C TYR B 176 5.74 11.29 -9.53
N MET B 177 6.05 11.10 -10.80
CA MET B 177 6.83 9.93 -11.28
C MET B 177 8.21 9.91 -10.60
N SER B 178 8.98 11.00 -10.61
CA SER B 178 10.36 10.98 -10.06
C SER B 178 10.30 10.75 -8.55
N ILE B 179 9.39 11.40 -7.85
CA ILE B 179 9.38 11.31 -6.36
C ILE B 179 8.99 9.89 -5.95
N ALA B 180 7.92 9.32 -6.54
CA ALA B 180 7.52 7.93 -6.23
C ALA B 180 8.63 6.96 -6.67
N LEU B 181 9.29 7.21 -7.81
CA LEU B 181 10.34 6.30 -8.35
C LEU B 181 11.49 6.20 -7.36
N ASN B 182 11.81 7.30 -6.68
CA ASN B 182 12.87 7.34 -5.66
C ASN B 182 12.58 6.29 -4.56
N ALA B 183 11.34 6.23 -4.08
CA ALA B 183 10.96 5.29 -3.01
C ALA B 183 11.08 3.85 -3.54
N LEU B 184 10.69 3.63 -4.80
CA LEU B 184 10.77 2.26 -5.37
C LEU B 184 12.25 1.88 -5.56
N SER B 185 13.05 2.83 -6.06
CA SER B 185 14.50 2.66 -6.28
C SER B 185 15.17 2.23 -4.98
N ALA B 186 14.80 2.86 -3.87
CA ALA B 186 15.35 2.56 -2.54
C ALA B 186 15.02 1.12 -2.15
N GLU B 187 13.80 0.68 -2.39
CA GLU B 187 13.41 -0.73 -2.06
C GLU B 187 14.35 -1.69 -2.82
N ALA B 188 14.52 -1.49 -4.13
CA ALA B 188 15.35 -2.37 -4.97
C ALA B 188 16.79 -2.36 -4.45
N ALA B 189 17.33 -1.18 -4.14
CA ALA B 189 18.73 -1.02 -3.71
C ALA B 189 18.94 -1.66 -2.34
N VAL B 190 17.99 -1.55 -1.43
CA VAL B 190 18.12 -2.15 -0.07
C VAL B 190 17.96 -3.67 -0.16
N LEU B 191 17.04 -4.16 -0.99
CA LEU B 191 16.92 -5.63 -1.20
C LEU B 191 18.28 -6.15 -1.73
N CYS B 192 18.86 -5.42 -2.67
CA CYS B 192 20.17 -5.74 -3.28
C CYS B 192 21.23 -5.91 -2.19
N GLU B 193 21.33 -4.93 -1.31
CA GLU B 193 22.29 -4.94 -0.19
C GLU B 193 21.99 -6.11 0.74
N ALA B 194 20.73 -6.38 1.05
CA ALA B 194 20.37 -7.46 1.99
C ALA B 194 20.75 -8.82 1.39
N LEU B 195 20.76 -8.93 0.06
CA LEU B 195 21.14 -10.20 -0.64
C LEU B 195 22.66 -10.28 -0.81
N ASN B 196 23.40 -9.26 -0.34
CA ASN B 196 24.89 -9.21 -0.45
C ASN B 196 25.31 -9.13 -1.92
N LEU B 197 24.52 -8.48 -2.78
CA LEU B 197 24.91 -8.24 -4.19
C LEU B 197 25.46 -6.82 -4.26
N PRO B 198 26.72 -6.61 -4.71
CA PRO B 198 27.24 -5.26 -4.93
C PRO B 198 26.31 -4.45 -5.83
N PHE B 199 25.97 -3.25 -5.38
CA PHE B 199 24.98 -2.39 -6.06
C PHE B 199 25.44 -2.06 -7.48
N ASP B 200 26.75 -1.88 -7.71
CA ASP B 200 27.28 -1.51 -9.05
C ASP B 200 26.92 -2.61 -10.07
N VAL B 201 26.89 -3.86 -9.65
CA VAL B 201 26.52 -5.00 -10.55
C VAL B 201 25.06 -4.85 -10.96
N ALA B 202 24.17 -4.57 -10.00
CA ALA B 202 22.74 -4.34 -10.24
C ALA B 202 22.57 -3.16 -11.19
N VAL B 203 23.29 -2.05 -10.97
CA VAL B 203 23.11 -0.83 -11.81
C VAL B 203 23.59 -1.15 -13.24
N LYS B 204 24.68 -1.89 -13.39
CA LYS B 204 25.20 -2.30 -14.73
C LYS B 204 24.10 -3.08 -15.46
N VAL B 205 23.46 -4.06 -14.80
CA VAL B 205 22.39 -4.85 -15.46
C VAL B 205 21.20 -3.95 -15.78
N MET B 206 20.72 -3.19 -14.79
CA MET B 206 19.48 -2.39 -14.92
C MET B 206 19.66 -1.29 -15.96
N SER B 207 20.88 -0.79 -16.15
CA SER B 207 21.11 0.27 -17.19
C SER B 207 20.77 -0.25 -18.59
N GLY B 208 20.75 -1.58 -18.79
CA GLY B 208 20.41 -2.19 -20.10
C GLY B 208 18.97 -2.67 -20.22
N THR B 209 18.10 -2.43 -19.23
CA THR B 209 16.71 -2.94 -19.24
C THR B 209 15.76 -1.81 -18.86
N ALA B 210 14.46 -2.11 -18.84
CA ALA B 210 13.43 -1.15 -18.38
C ALA B 210 13.71 -0.73 -16.93
N ALA B 211 14.40 -1.57 -16.13
CA ALA B 211 14.66 -1.28 -14.71
C ALA B 211 15.36 0.07 -14.60
N GLY B 212 16.37 0.30 -15.46
CA GLY B 212 17.22 1.51 -15.45
C GLY B 212 16.80 2.53 -16.50
N LYS B 213 16.17 2.10 -17.59
CA LYS B 213 15.84 2.99 -18.75
C LYS B 213 14.38 3.42 -18.71
N GLY B 214 13.53 2.76 -17.91
CA GLY B 214 12.09 3.06 -17.91
C GLY B 214 11.35 2.30 -18.99
N HIS B 215 10.04 2.15 -18.83
CA HIS B 215 9.11 1.44 -19.73
C HIS B 215 8.62 2.37 -20.85
N PHE B 216 8.56 3.68 -20.59
CA PHE B 216 7.90 4.66 -21.49
C PHE B 216 8.48 4.53 -22.90
N THR B 217 9.78 4.28 -23.05
CA THR B 217 10.44 4.27 -24.39
C THR B 217 11.02 2.90 -24.72
N THR B 218 10.79 1.86 -23.91
CA THR B 218 11.38 0.51 -24.12
C THR B 218 10.25 -0.49 -24.37
N SER B 219 9.59 -0.95 -23.32
CA SER B 219 8.57 -2.03 -23.36
C SER B 219 7.23 -1.53 -23.91
N TRP B 220 6.88 -0.25 -23.75
CA TRP B 220 5.52 0.25 -24.07
C TRP B 220 5.31 0.56 -25.56
N PRO B 221 6.23 1.27 -26.26
CA PRO B 221 5.92 1.81 -27.59
C PRO B 221 5.35 0.79 -28.58
N ASN B 222 5.97 -0.39 -28.70
CA ASN B 222 5.61 -1.41 -29.71
C ASN B 222 4.55 -2.37 -29.18
N LYS B 223 4.13 -2.24 -27.91
CA LYS B 223 3.09 -3.12 -27.33
C LYS B 223 1.88 -2.26 -27.00
N VAL B 224 1.63 -1.98 -25.72
CA VAL B 224 0.36 -1.29 -25.31
C VAL B 224 0.18 0.01 -26.11
N LEU B 225 1.22 0.78 -26.38
CA LEU B 225 1.01 2.12 -27.03
C LEU B 225 0.72 1.92 -28.53
N SER B 226 0.98 0.73 -29.09
CA SER B 226 0.61 0.36 -30.47
C SER B 226 -0.67 -0.46 -30.50
N GLY B 227 -1.37 -0.61 -29.36
CA GLY B 227 -2.60 -1.41 -29.27
C GLY B 227 -2.34 -2.91 -29.44
N ASP B 228 -1.12 -3.36 -29.16
CA ASP B 228 -0.71 -4.79 -29.27
C ASP B 228 -0.38 -5.30 -27.86
N LEU B 229 -1.26 -6.16 -27.31
CA LEU B 229 -1.03 -6.77 -25.97
C LEU B 229 -0.55 -8.21 -26.08
N SER B 230 -0.16 -8.67 -27.27
CA SER B 230 0.47 -10.01 -27.43
C SER B 230 1.73 -9.99 -26.60
N PRO B 231 2.03 -11.04 -25.81
CA PRO B 231 3.10 -10.95 -24.82
C PRO B 231 4.54 -11.05 -25.33
N ALA B 232 5.38 -10.08 -24.95
CA ALA B 232 6.84 -10.25 -24.91
C ALA B 232 7.20 -10.87 -23.55
N PHE B 233 6.53 -10.41 -22.49
CA PHE B 233 6.72 -10.89 -21.10
C PHE B 233 5.35 -10.89 -20.44
N MET B 234 4.81 -12.07 -20.17
CA MET B 234 3.42 -12.22 -19.71
C MET B 234 3.25 -11.65 -18.29
N ILE B 235 2.10 -11.06 -18.05
CA ILE B 235 1.68 -10.59 -16.70
C ILE B 235 1.81 -11.72 -15.68
N ASP B 236 1.49 -12.96 -16.03
CA ASP B 236 1.60 -14.11 -15.08
C ASP B 236 3.04 -14.26 -14.58
N LEU B 237 4.01 -14.16 -15.47
CA LEU B 237 5.44 -14.32 -15.15
C LEU B 237 5.88 -13.11 -14.31
N ALA B 238 5.47 -11.92 -14.67
CA ALA B 238 5.85 -10.69 -13.92
C ALA B 238 5.31 -10.81 -12.49
N HIS B 239 4.06 -11.21 -12.36
CA HIS B 239 3.41 -11.44 -11.04
C HIS B 239 4.15 -12.49 -10.23
N LYS B 240 4.54 -13.58 -10.86
CA LYS B 240 5.32 -14.65 -10.18
C LYS B 240 6.63 -14.07 -9.63
N ASP B 241 7.37 -13.35 -10.47
CA ASP B 241 8.69 -12.79 -10.08
C ASP B 241 8.50 -11.79 -8.94
N LEU B 242 7.44 -10.97 -8.95
CA LEU B 242 7.16 -10.04 -7.83
C LEU B 242 6.93 -10.84 -6.56
N GLY B 243 6.21 -11.96 -6.65
CA GLY B 243 5.98 -12.80 -5.46
C GLY B 243 7.30 -13.31 -4.92
N ILE B 244 8.24 -13.72 -5.81
CA ILE B 244 9.59 -14.16 -5.35
C ILE B 244 10.32 -12.99 -4.66
N ALA B 245 10.35 -11.84 -5.27
CA ALA B 245 11.01 -10.64 -4.67
C ALA B 245 10.41 -10.36 -3.29
N LEU B 246 9.08 -10.39 -3.15
CA LEU B 246 8.41 -10.12 -1.86
C LEU B 246 8.70 -11.23 -0.85
N ASP B 247 8.83 -12.47 -1.31
CA ASP B 247 9.17 -13.62 -0.43
C ASP B 247 10.55 -13.35 0.17
N VAL B 248 11.50 -12.99 -0.68
CA VAL B 248 12.91 -12.73 -0.27
C VAL B 248 12.93 -11.51 0.66
N ALA B 249 12.26 -10.43 0.29
CA ALA B 249 12.23 -9.18 1.09
C ALA B 249 11.69 -9.51 2.47
N ASN B 250 10.63 -10.29 2.55
CA ASN B 250 9.99 -10.63 3.84
C ASN B 250 10.91 -11.56 4.65
N GLN B 251 11.66 -12.45 4.02
CA GLN B 251 12.61 -13.31 4.76
C GLN B 251 13.78 -12.47 5.28
N LEU B 252 14.20 -11.44 4.55
CA LEU B 252 15.36 -10.58 4.91
C LEU B 252 14.92 -9.32 5.66
N HIS B 253 13.63 -9.19 6.02
CA HIS B 253 13.03 -7.99 6.66
C HIS B 253 13.48 -6.69 5.98
N VAL B 254 13.37 -6.65 4.66
CA VAL B 254 13.43 -5.41 3.87
C VAL B 254 12.00 -5.01 3.55
N PRO B 255 11.44 -3.98 4.21
CA PRO B 255 10.07 -3.54 3.92
C PRO B 255 10.00 -2.96 2.50
N MET B 256 9.05 -3.49 1.73
CA MET B 256 8.86 -3.07 0.33
C MET B 256 7.39 -2.73 0.10
N PRO B 257 6.90 -1.61 0.66
CA PRO B 257 5.49 -1.26 0.49
C PRO B 257 5.11 -1.01 -0.98
N LEU B 258 5.97 -0.37 -1.80
CA LEU B 258 5.59 -0.13 -3.21
C LEU B 258 5.52 -1.46 -3.97
N GLY B 259 6.46 -2.35 -3.73
CA GLY B 259 6.47 -3.70 -4.31
C GLY B 259 5.24 -4.48 -3.90
N ALA B 260 4.90 -4.45 -2.62
CA ALA B 260 3.71 -5.16 -2.08
C ALA B 260 2.47 -4.60 -2.80
N ALA B 261 2.33 -3.29 -2.90
CA ALA B 261 1.19 -2.65 -3.58
C ALA B 261 1.21 -3.06 -5.06
N SER B 262 2.37 -3.10 -5.69
CA SER B 262 2.46 -3.39 -7.14
C SER B 262 1.96 -4.81 -7.41
N ARG B 263 2.27 -5.77 -6.53
CA ARG B 263 1.84 -7.16 -6.76
C ARG B 263 0.31 -7.24 -6.76
N GLU B 264 -0.38 -6.50 -5.89
CA GLU B 264 -1.86 -6.51 -5.83
C GLU B 264 -2.44 -5.85 -7.09
N VAL B 265 -1.70 -4.93 -7.74
CA VAL B 265 -2.13 -4.39 -9.07
C VAL B 265 -2.02 -5.49 -10.12
N TYR B 266 -0.92 -6.23 -10.15
CA TYR B 266 -0.77 -7.35 -11.14
C TYR B 266 -1.83 -8.42 -10.83
N SER B 267 -2.17 -8.61 -9.54
CA SER B 267 -3.19 -9.62 -9.14
C SER B 267 -4.54 -9.21 -9.71
N GLN B 268 -4.87 -7.93 -9.63
CA GLN B 268 -6.12 -7.41 -10.23
C GLN B 268 -6.11 -7.60 -11.74
N ALA B 269 -4.98 -7.36 -12.39
CA ALA B 269 -4.85 -7.63 -13.85
C ALA B 269 -5.15 -9.11 -14.14
N ARG B 270 -4.60 -10.03 -13.34
CA ARG B 270 -4.86 -11.49 -13.52
C ARG B 270 -6.35 -11.78 -13.30
N ALA B 271 -6.98 -11.18 -12.30
CA ALA B 271 -8.42 -11.33 -12.05
C ALA B 271 -9.22 -10.83 -13.27
N ALA B 272 -8.75 -9.80 -13.96
CA ALA B 272 -9.45 -9.22 -15.14
C ALA B 272 -9.16 -10.06 -16.40
N GLY B 273 -8.40 -11.17 -16.31
CA GLY B 273 -8.14 -12.07 -17.45
C GLY B 273 -6.92 -11.68 -18.27
N ARG B 274 -6.03 -10.84 -17.74
CA ARG B 274 -4.86 -10.34 -18.52
C ARG B 274 -3.58 -11.17 -18.29
N GLY B 275 -3.63 -12.29 -17.59
CA GLY B 275 -2.40 -13.00 -17.21
C GLY B 275 -1.51 -13.38 -18.40
N ARG B 276 -2.08 -13.64 -19.57
CA ARG B 276 -1.29 -14.03 -20.78
C ARG B 276 -1.04 -12.83 -21.68
N GLN B 277 -1.44 -11.63 -21.27
CA GLN B 277 -1.12 -10.38 -22.00
C GLN B 277 0.29 -9.88 -21.67
N ASP B 278 0.86 -9.10 -22.56
CA ASP B 278 2.15 -8.42 -22.32
C ASP B 278 2.09 -7.64 -21.01
N TRP B 279 3.20 -7.55 -20.29
CA TRP B 279 3.23 -6.73 -19.05
C TRP B 279 2.84 -5.26 -19.31
N SER B 280 3.04 -4.72 -20.52
CA SER B 280 2.61 -3.32 -20.81
C SER B 280 1.08 -3.17 -20.72
N ALA B 281 0.33 -4.27 -20.68
CA ALA B 281 -1.14 -4.21 -20.49
C ALA B 281 -1.49 -3.67 -19.10
N ILE B 282 -0.55 -3.63 -18.16
CA ILE B 282 -0.78 -2.98 -16.85
C ILE B 282 -1.25 -1.53 -17.06
N LEU B 283 -0.79 -0.84 -18.10
CA LEU B 283 -1.30 0.53 -18.42
C LEU B 283 -2.80 0.46 -18.66
N GLU B 284 -3.27 -0.49 -19.48
CA GLU B 284 -4.71 -0.62 -19.76
C GLU B 284 -5.47 -0.96 -18.47
N GLN B 285 -4.92 -1.84 -17.63
CA GLN B 285 -5.54 -2.21 -16.34
C GLN B 285 -5.78 -0.94 -15.49
N VAL B 286 -4.76 -0.10 -15.35
CA VAL B 286 -4.86 1.15 -14.54
C VAL B 286 -5.88 2.10 -15.19
N ARG B 287 -5.90 2.21 -16.52
CA ARG B 287 -6.92 3.05 -17.24
C ARG B 287 -8.32 2.56 -16.86
N VAL B 288 -8.56 1.25 -16.95
CA VAL B 288 -9.89 0.65 -16.64
C VAL B 288 -10.21 0.90 -15.17
N SER B 289 -9.25 0.73 -14.27
CA SER B 289 -9.45 0.97 -12.82
CA SER B 289 -9.45 0.97 -12.82
C SER B 289 -9.86 2.43 -12.58
N ALA B 290 -9.39 3.34 -13.43
CA ALA B 290 -9.70 4.80 -13.37
C ALA B 290 -11.01 5.14 -14.09
N GLY B 291 -11.78 4.13 -14.53
CA GLY B 291 -13.10 4.36 -15.16
C GLY B 291 -12.98 4.75 -16.63
N MET B 292 -11.81 4.63 -17.23
CA MET B 292 -11.61 5.03 -18.65
C MET B 292 -12.00 3.86 -19.56
N THR B 293 -12.40 4.18 -20.79
CA THR B 293 -12.77 3.15 -21.81
C THR B 293 -11.50 2.42 -22.26
N ALA B 294 -11.47 1.10 -22.14
CA ALA B 294 -10.46 0.18 -22.72
C ALA B 294 -10.14 0.59 -24.17
N LYS B 295 -8.85 0.64 -24.50
CA LYS B 295 -8.35 0.96 -25.87
C LYS B 295 -8.07 -0.35 -26.62
N VAL B 296 -7.57 -1.38 -25.94
CA VAL B 296 -6.95 -2.60 -26.54
C VAL B 296 -7.67 -3.81 -25.95
N ALA C 2 -7.78 -43.83 24.44
CA ALA C 2 -7.38 -44.29 23.08
C ALA C 2 -5.87 -44.24 22.97
N ALA C 3 -5.31 -44.98 22.00
CA ALA C 3 -3.89 -44.93 21.61
C ALA C 3 -3.69 -43.75 20.65
N ILE C 4 -2.87 -42.78 21.07
CA ILE C 4 -2.65 -41.53 20.31
C ILE C 4 -1.15 -41.38 20.07
N ALA C 5 -0.80 -40.98 18.84
CA ALA C 5 0.54 -40.44 18.53
C ALA C 5 0.44 -38.92 18.50
N PHE C 6 1.39 -38.23 19.12
CA PHE C 6 1.41 -36.75 19.17
C PHE C 6 2.79 -36.34 18.67
N ILE C 7 2.81 -35.66 17.53
CA ILE C 7 4.06 -35.19 16.91
C ILE C 7 4.04 -33.66 16.90
N GLY C 8 4.99 -33.05 17.59
CA GLY C 8 5.08 -31.59 17.73
C GLY C 8 4.77 -31.21 19.15
N LEU C 9 5.83 -30.99 19.95
CA LEU C 9 5.72 -30.68 21.39
C LEU C 9 6.22 -29.27 21.65
N GLY C 10 5.82 -28.32 20.81
CA GLY C 10 6.17 -26.91 20.98
C GLY C 10 5.29 -26.23 22.03
N GLN C 11 5.22 -24.91 21.98
CA GLN C 11 4.54 -24.09 23.00
C GLN C 11 3.06 -24.49 23.04
N MET C 12 2.49 -24.86 21.89
CA MET C 12 1.07 -25.30 21.83
C MET C 12 0.97 -26.83 22.06
N GLY C 13 1.79 -27.60 21.36
CA GLY C 13 1.74 -29.07 21.33
C GLY C 13 1.91 -29.68 22.70
N SER C 14 2.88 -29.19 23.49
CA SER C 14 3.19 -29.75 24.84
CA SER C 14 3.18 -29.76 24.83
C SER C 14 1.94 -29.73 25.73
N PRO C 15 1.32 -28.57 26.00
CA PRO C 15 0.12 -28.56 26.86
C PRO C 15 -1.07 -29.33 26.28
N MET C 16 -1.20 -29.37 24.94
CA MET C 16 -2.28 -30.12 24.28
C MET C 16 -2.10 -31.63 24.59
N ALA C 17 -0.89 -32.15 24.35
CA ALA C 17 -0.53 -33.55 24.66
C ALA C 17 -0.75 -33.81 26.16
N SER C 18 -0.36 -32.87 27.00
CA SER C 18 -0.50 -32.98 28.48
C SER C 18 -1.96 -33.20 28.86
N ASN C 19 -2.88 -32.47 28.23
CA ASN C 19 -4.34 -32.58 28.53
C ASN C 19 -4.84 -33.97 28.08
N LEU C 20 -4.34 -34.49 26.98
CA LEU C 20 -4.76 -35.82 26.51
C LEU C 20 -4.35 -36.88 27.54
N LEU C 21 -3.17 -36.78 28.13
CA LEU C 21 -2.69 -37.72 29.18
C LEU C 21 -3.64 -37.68 30.39
N GLN C 22 -4.10 -36.49 30.77
CA GLN C 22 -4.99 -36.30 31.94
C GLN C 22 -6.32 -37.02 31.68
N GLN C 23 -6.77 -37.07 30.44
CA GLN C 23 -8.07 -37.67 30.04
C GLN C 23 -7.88 -39.18 29.81
N GLY C 24 -6.70 -39.72 30.12
CA GLY C 24 -6.48 -41.18 30.23
C GLY C 24 -6.02 -41.84 28.94
N HIS C 25 -5.66 -41.04 27.92
CA HIS C 25 -5.12 -41.59 26.65
C HIS C 25 -3.69 -42.07 26.88
N GLN C 26 -3.26 -43.07 26.11
CA GLN C 26 -1.86 -43.55 26.02
C GLN C 26 -1.22 -42.83 24.83
N LEU C 27 -0.24 -41.99 25.09
CA LEU C 27 0.43 -41.16 24.06
C LEU C 27 1.83 -41.71 23.81
N ARG C 28 2.14 -41.85 22.52
CA ARG C 28 3.52 -42.00 22.00
C ARG C 28 3.84 -40.66 21.37
N VAL C 29 4.88 -40.01 21.85
CA VAL C 29 5.19 -38.61 21.44
C VAL C 29 6.50 -38.59 20.68
N PHE C 30 6.61 -37.64 19.76
CA PHE C 30 7.86 -37.37 19.05
C PHE C 30 7.96 -35.87 18.83
N ASP C 31 9.18 -35.36 18.98
CA ASP C 31 9.56 -34.00 18.56
C ASP C 31 11.07 -34.04 18.27
N VAL C 32 11.60 -33.11 17.49
CA VAL C 32 13.07 -33.02 17.20
C VAL C 32 13.82 -32.61 18.48
N ASN C 33 13.14 -31.96 19.42
CA ASN C 33 13.73 -31.51 20.69
C ASN C 33 13.54 -32.61 21.74
N ALA C 34 14.63 -33.27 22.13
CA ALA C 34 14.60 -34.41 23.09
C ALA C 34 14.11 -33.96 24.48
N GLU C 35 14.41 -32.71 24.90
CA GLU C 35 13.98 -32.19 26.23
C GLU C 35 12.45 -32.08 26.22
N ALA C 36 11.84 -31.63 25.12
CA ALA C 36 10.37 -31.51 25.01
C ALA C 36 9.76 -32.92 25.13
N VAL C 37 10.36 -33.93 24.51
CA VAL C 37 9.91 -35.35 24.64
C VAL C 37 9.98 -35.78 26.11
N ARG C 38 11.13 -35.55 26.75
CA ARG C 38 11.38 -35.95 28.17
C ARG C 38 10.28 -35.33 29.06
N HIS C 39 9.90 -34.07 28.83
CA HIS C 39 8.87 -33.36 29.64
C HIS C 39 7.53 -34.12 29.54
N LEU C 40 7.15 -34.62 28.35
CA LEU C 40 5.89 -35.37 28.19
C LEU C 40 6.05 -36.78 28.79
N VAL C 41 7.22 -37.39 28.63
CA VAL C 41 7.50 -38.72 29.25
C VAL C 41 7.31 -38.63 30.77
N ASP C 42 7.78 -37.55 31.40
CA ASP C 42 7.58 -37.32 32.86
C ASP C 42 6.10 -37.26 33.22
N LYS C 43 5.21 -36.89 32.29
CA LYS C 43 3.75 -36.80 32.54
C LYS C 43 3.06 -38.12 32.15
N GLY C 44 3.79 -39.11 31.64
CA GLY C 44 3.24 -40.45 31.39
C GLY C 44 3.25 -40.86 29.93
N ALA C 45 3.77 -40.02 29.02
CA ALA C 45 3.88 -40.39 27.60
C ALA C 45 5.00 -41.43 27.44
N THR C 46 4.88 -42.26 26.41
CA THR C 46 5.97 -43.10 25.86
C THR C 46 6.70 -42.29 24.79
N PRO C 47 8.04 -42.27 24.81
CA PRO C 47 8.81 -41.65 23.73
C PRO C 47 8.85 -42.52 22.49
N ALA C 48 8.88 -41.92 21.31
CA ALA C 48 9.09 -42.60 20.02
C ALA C 48 10.32 -41.98 19.36
N ALA C 49 11.06 -42.79 18.61
CA ALA C 49 12.32 -42.39 17.96
C ALA C 49 12.04 -41.57 16.70
N ASN C 50 10.84 -41.71 16.14
CA ASN C 50 10.47 -41.03 14.87
C ASN C 50 8.95 -41.12 14.70
N PRO C 51 8.38 -40.37 13.74
CA PRO C 51 6.93 -40.40 13.53
C PRO C 51 6.34 -41.79 13.25
N ALA C 52 7.03 -42.62 12.44
CA ALA C 52 6.57 -43.99 12.12
C ALA C 52 6.34 -44.79 13.40
N GLN C 53 7.28 -44.76 14.34
CA GLN C 53 7.18 -45.50 15.62
C GLN C 53 6.04 -44.89 16.45
N ALA C 54 5.91 -43.56 16.45
CA ALA C 54 4.81 -42.91 17.21
C ALA C 54 3.47 -43.47 16.71
N ALA C 55 3.32 -43.62 15.40
CA ALA C 55 2.06 -43.94 14.72
C ALA C 55 1.68 -45.41 14.89
N LYS C 56 2.66 -46.29 15.14
CA LYS C 56 2.43 -47.77 15.16
C LYS C 56 1.38 -48.08 16.21
N ASP C 57 0.28 -48.70 15.82
CA ASP C 57 -0.83 -49.14 16.72
C ASP C 57 -1.63 -47.96 17.29
N ALA C 58 -1.44 -46.74 16.77
CA ALA C 58 -2.19 -45.55 17.22
C ALA C 58 -3.51 -45.51 16.47
N GLU C 59 -4.58 -45.11 17.17
CA GLU C 59 -5.90 -44.85 16.58
C GLU C 59 -5.94 -43.41 16.05
N PHE C 60 -5.37 -42.47 16.78
CA PHE C 60 -5.37 -41.03 16.41
C PHE C 60 -3.93 -40.58 16.33
N ILE C 61 -3.61 -39.91 15.21
CA ILE C 61 -2.28 -39.30 15.04
C ILE C 61 -2.48 -37.80 14.97
N ILE C 62 -1.96 -37.06 15.96
CA ILE C 62 -2.04 -35.58 15.97
C ILE C 62 -0.68 -35.01 15.60
N THR C 63 -0.68 -34.05 14.66
CA THR C 63 0.50 -33.23 14.32
C THR C 63 0.20 -31.79 14.72
N MET C 64 1.18 -31.16 15.36
CA MET C 64 1.14 -29.73 15.74
C MET C 64 2.53 -29.18 15.42
N LEU C 65 2.70 -28.64 14.20
CA LEU C 65 4.03 -28.26 13.68
C LEU C 65 4.02 -26.87 13.07
N PRO C 66 5.23 -26.26 12.91
CA PRO C 66 5.33 -24.85 12.51
C PRO C 66 4.85 -24.51 11.09
N ASN C 67 4.91 -25.46 10.15
CA ASN C 67 4.56 -25.13 8.74
C ASN C 67 4.25 -26.40 7.94
N GLY C 68 3.72 -26.21 6.73
CA GLY C 68 3.25 -27.31 5.86
C GLY C 68 4.39 -28.19 5.37
N ASP C 69 5.59 -27.66 5.16
CA ASP C 69 6.74 -28.51 4.72
C ASP C 69 7.07 -29.52 5.84
N LEU C 70 7.07 -29.07 7.09
CA LEU C 70 7.37 -29.97 8.25
C LEU C 70 6.23 -30.99 8.42
N VAL C 71 4.96 -30.60 8.24
CA VAL C 71 3.83 -31.58 8.31
C VAL C 71 4.06 -32.64 7.21
N ARG C 72 4.34 -32.22 5.99
CA ARG C 72 4.52 -33.19 4.88
C ARG C 72 5.69 -34.13 5.25
N ASN C 73 6.79 -33.60 5.76
CA ASN C 73 7.99 -34.42 6.07
C ASN C 73 7.64 -35.43 7.17
N VAL C 74 6.86 -35.03 8.17
CA VAL C 74 6.49 -35.94 9.29
C VAL C 74 5.55 -37.03 8.79
N LEU C 75 4.67 -36.72 7.82
CA LEU C 75 3.66 -37.70 7.33
C LEU C 75 4.28 -38.63 6.26
N PHE C 76 5.05 -38.07 5.32
CA PHE C 76 5.45 -38.77 4.07
C PHE C 76 6.97 -38.96 3.98
N GLY C 77 7.77 -38.34 4.86
CA GLY C 77 9.24 -38.41 4.81
C GLY C 77 9.78 -39.73 5.34
N GLU C 78 11.12 -39.84 5.42
CA GLU C 78 11.86 -40.98 6.02
C GLU C 78 11.34 -41.20 7.44
N ASN C 79 10.95 -42.42 7.75
CA ASN C 79 10.37 -42.83 9.06
C ASN C 79 9.13 -41.95 9.36
N GLY C 80 8.35 -41.62 8.33
CA GLY C 80 7.14 -40.79 8.43
C GLY C 80 5.97 -41.57 8.98
N VAL C 81 4.93 -40.86 9.39
CA VAL C 81 3.70 -41.48 9.97
C VAL C 81 3.18 -42.57 9.03
N CYS C 82 3.19 -42.34 7.72
CA CYS C 82 2.59 -43.29 6.73
C CYS C 82 3.21 -44.68 6.84
N GLU C 83 4.47 -44.79 7.26
CA GLU C 83 5.16 -46.10 7.43
C GLU C 83 4.60 -46.87 8.64
N GLY C 84 3.93 -46.20 9.59
CA GLY C 84 3.41 -46.84 10.82
C GLY C 84 1.89 -46.82 10.90
N LEU C 85 1.20 -46.28 9.89
CA LEU C 85 -0.22 -45.88 10.02
C LEU C 85 -1.12 -47.05 9.61
N SER C 86 -2.12 -47.35 10.43
CA SER C 86 -3.27 -48.24 10.10
C SER C 86 -4.28 -47.46 9.22
N THR C 87 -4.96 -48.16 8.30
CA THR C 87 -6.03 -47.58 7.45
C THR C 87 -7.25 -47.23 8.31
N ASP C 88 -7.37 -47.79 9.53
CA ASP C 88 -8.50 -47.51 10.46
C ASP C 88 -8.20 -46.29 11.34
N ALA C 89 -6.97 -45.78 11.31
CA ALA C 89 -6.55 -44.65 12.17
C ALA C 89 -7.07 -43.34 11.55
N LEU C 90 -7.00 -42.26 12.32
CA LEU C 90 -7.39 -40.91 11.84
C LEU C 90 -6.25 -39.94 12.16
N VAL C 91 -5.71 -39.30 11.14
CA VAL C 91 -4.68 -38.24 11.30
C VAL C 91 -5.41 -36.92 11.46
N ILE C 92 -5.02 -36.16 12.48
CA ILE C 92 -5.58 -34.82 12.80
C ILE C 92 -4.42 -33.82 12.74
N ASP C 93 -4.34 -33.00 11.71
CA ASP C 93 -3.32 -31.94 11.66
C ASP C 93 -3.92 -30.72 12.36
N MET C 94 -3.31 -30.31 13.46
CA MET C 94 -3.79 -29.16 14.24
C MET C 94 -2.90 -27.94 13.95
N SER C 95 -2.01 -28.06 12.97
CA SER C 95 -1.05 -27.01 12.56
C SER C 95 -1.78 -25.91 11.79
N THR C 96 -1.25 -24.70 11.86
CA THR C 96 -1.67 -23.59 10.97
C THR C 96 -0.73 -23.54 9.78
N ILE C 97 -1.17 -24.01 8.61
CA ILE C 97 -0.35 -24.12 7.38
C ILE C 97 -1.16 -23.59 6.20
N HIS C 98 -0.57 -23.60 5.00
CA HIS C 98 -1.23 -23.14 3.76
C HIS C 98 -2.42 -24.05 3.50
N PRO C 99 -3.63 -23.51 3.27
CA PRO C 99 -4.80 -24.36 3.06
C PRO C 99 -4.71 -25.26 1.82
N LEU C 100 -4.03 -24.82 0.76
CA LEU C 100 -3.90 -25.66 -0.45
C LEU C 100 -2.87 -26.75 -0.16
N GLN C 101 -1.93 -26.55 0.78
CA GLN C 101 -1.04 -27.66 1.26
C GLN C 101 -1.88 -28.66 2.08
N THR C 102 -2.76 -28.20 2.96
CA THR C 102 -3.69 -29.10 3.70
C THR C 102 -4.47 -29.97 2.69
N ASP C 103 -5.07 -29.37 1.65
CA ASP C 103 -5.87 -30.09 0.63
C ASP C 103 -4.99 -31.21 0.04
N LYS C 104 -3.76 -30.88 -0.33
CA LYS C 104 -2.86 -31.82 -1.02
C LYS C 104 -2.44 -32.94 -0.05
N LEU C 105 -2.19 -32.64 1.22
CA LEU C 105 -1.86 -33.69 2.23
C LEU C 105 -3.06 -34.63 2.39
N ILE C 106 -4.26 -34.09 2.52
CA ILE C 106 -5.47 -34.94 2.71
C ILE C 106 -5.64 -35.84 1.48
N ALA C 107 -5.51 -35.29 0.26
CA ALA C 107 -5.64 -36.06 -1.00
C ALA C 107 -4.56 -37.15 -1.07
N ASP C 108 -3.31 -36.81 -0.73
CA ASP C 108 -2.17 -37.76 -0.82
C ASP C 108 -2.36 -38.88 0.20
N MET C 109 -2.88 -38.57 1.38
CA MET C 109 -3.21 -39.57 2.42
C MET C 109 -4.33 -40.46 1.89
N GLN C 110 -5.39 -39.90 1.29
CA GLN C 110 -6.56 -40.69 0.81
C GLN C 110 -6.10 -41.63 -0.31
N ALA C 111 -5.17 -41.20 -1.18
CA ALA C 111 -4.60 -42.03 -2.27
C ALA C 111 -3.91 -43.28 -1.69
N LYS C 112 -3.37 -43.23 -0.47
CA LYS C 112 -2.72 -44.39 0.19
C LYS C 112 -3.69 -45.08 1.14
N GLY C 113 -5.00 -44.77 1.07
CA GLY C 113 -6.06 -45.40 1.88
C GLY C 113 -6.12 -44.86 3.30
N PHE C 114 -5.47 -43.72 3.59
CA PHE C 114 -5.44 -43.10 4.95
C PHE C 114 -6.41 -41.94 5.05
N SER C 115 -6.92 -41.69 6.26
CA SER C 115 -7.89 -40.64 6.60
C SER C 115 -7.20 -39.51 7.38
N MET C 116 -7.34 -38.28 6.90
CA MET C 116 -6.73 -37.08 7.52
C MET C 116 -7.73 -35.94 7.52
N MET C 117 -7.77 -35.17 8.61
CA MET C 117 -8.65 -33.99 8.78
C MET C 117 -7.79 -32.87 9.36
N ASP C 118 -8.26 -31.64 9.17
CA ASP C 118 -7.59 -30.39 9.60
C ASP C 118 -8.39 -29.81 10.76
N VAL C 119 -7.75 -29.73 11.92
CA VAL C 119 -8.35 -29.10 13.12
C VAL C 119 -7.34 -28.16 13.73
N PRO C 120 -7.06 -27.02 13.06
CA PRO C 120 -6.27 -25.97 13.68
C PRO C 120 -7.04 -25.39 14.86
N VAL C 121 -6.36 -24.59 15.67
CA VAL C 121 -6.94 -24.07 16.93
C VAL C 121 -6.80 -22.54 16.99
N GLY C 122 -7.78 -21.93 17.63
CA GLY C 122 -7.71 -20.51 18.03
C GLY C 122 -7.37 -20.40 19.50
N ARG C 123 -6.89 -19.22 19.88
CA ARG C 123 -6.42 -18.80 21.23
C ARG C 123 -4.99 -19.32 21.40
N THR C 124 -4.32 -18.88 22.46
CA THR C 124 -2.85 -18.97 22.56
C THR C 124 -2.47 -20.02 23.61
N SER C 125 -1.18 -20.10 23.96
CA SER C 125 -0.65 -21.24 24.75
C SER C 125 -1.26 -21.25 26.17
N ALA C 126 -1.61 -20.09 26.73
CA ALA C 126 -2.26 -20.01 28.07
C ALA C 126 -3.55 -20.85 28.02
N ASN C 127 -4.32 -20.72 26.94
CA ASN C 127 -5.57 -21.49 26.71
C ASN C 127 -5.22 -22.95 26.42
N ALA C 128 -4.07 -23.22 25.76
CA ALA C 128 -3.65 -24.62 25.52
C ALA C 128 -3.46 -25.32 26.88
N ILE C 129 -2.85 -24.63 27.83
CA ILE C 129 -2.58 -25.19 29.20
C ILE C 129 -3.91 -25.56 29.88
N THR C 130 -4.93 -24.70 29.80
CA THR C 130 -6.22 -24.90 30.50
C THR C 130 -7.22 -25.70 29.64
N GLY C 131 -6.85 -26.16 28.44
CA GLY C 131 -7.76 -26.93 27.58
C GLY C 131 -8.93 -26.08 27.07
N THR C 132 -8.73 -24.77 26.90
CA THR C 132 -9.79 -23.82 26.50
C THR C 132 -9.50 -23.25 25.10
N LEU C 133 -8.79 -24.00 24.25
CA LEU C 133 -8.61 -23.65 22.83
C LEU C 133 -9.97 -23.67 22.11
N LEU C 134 -10.03 -22.91 21.03
CA LEU C 134 -11.13 -22.95 20.05
C LEU C 134 -10.74 -23.99 18.99
N LEU C 135 -11.55 -25.02 18.83
CA LEU C 135 -11.26 -26.10 17.85
C LEU C 135 -11.97 -25.73 16.56
N LEU C 136 -11.20 -25.53 15.49
CA LEU C 136 -11.75 -25.18 14.16
C LEU C 136 -11.74 -26.46 13.34
N ALA C 137 -12.81 -27.26 13.47
CA ALA C 137 -12.84 -28.66 13.02
C ALA C 137 -13.23 -28.77 11.54
N GLY C 138 -12.23 -28.89 10.68
CA GLY C 138 -12.38 -29.38 9.31
C GLY C 138 -12.60 -30.88 9.34
N GLY C 139 -12.64 -31.47 8.18
CA GLY C 139 -12.89 -32.91 7.97
C GLY C 139 -14.34 -33.18 7.67
N THR C 140 -14.65 -34.43 7.33
CA THR C 140 -16.05 -34.83 7.05
C THR C 140 -16.82 -34.81 8.37
N ALA C 141 -18.13 -34.75 8.31
CA ALA C 141 -19.00 -34.85 9.50
C ALA C 141 -18.64 -36.11 10.30
N GLU C 142 -18.40 -37.25 9.63
CA GLU C 142 -18.04 -38.57 10.27
C GLU C 142 -16.71 -38.41 11.01
N GLN C 143 -15.71 -37.76 10.40
CA GLN C 143 -14.38 -37.55 11.04
C GLN C 143 -14.56 -36.64 12.26
N VAL C 144 -15.34 -35.56 12.16
CA VAL C 144 -15.50 -34.61 13.29
C VAL C 144 -16.18 -35.37 14.43
N GLU C 145 -17.19 -36.20 14.13
CA GLU C 145 -17.91 -36.99 15.16
C GLU C 145 -16.89 -37.91 15.84
N ARG C 146 -16.10 -38.65 15.07
CA ARG C 146 -15.11 -39.61 15.64
C ARG C 146 -14.07 -38.87 16.48
N ALA C 147 -13.60 -37.69 16.03
CA ALA C 147 -12.48 -37.00 16.69
C ALA C 147 -12.96 -36.22 17.92
N THR C 148 -14.24 -35.88 18.01
CA THR C 148 -14.73 -34.88 18.99
C THR C 148 -14.31 -35.25 20.41
N PRO C 149 -14.48 -36.51 20.89
CA PRO C 149 -14.08 -36.86 22.25
C PRO C 149 -12.61 -36.57 22.54
N ILE C 150 -11.72 -36.85 21.59
CA ILE C 150 -10.26 -36.51 21.69
C ILE C 150 -10.09 -34.96 21.70
N LEU C 151 -10.72 -34.29 20.74
CA LEU C 151 -10.53 -32.82 20.57
C LEU C 151 -10.96 -32.08 21.84
N MET C 152 -12.03 -32.54 22.52
CA MET C 152 -12.59 -31.79 23.68
C MET C 152 -11.64 -31.91 24.88
N ALA C 153 -10.59 -32.75 24.83
CA ALA C 153 -9.56 -32.77 25.89
C ALA C 153 -8.67 -31.54 25.75
N MET C 154 -8.55 -30.96 24.54
CA MET C 154 -7.58 -29.87 24.25
C MET C 154 -8.28 -28.51 24.12
N GLY C 155 -9.57 -28.50 23.77
CA GLY C 155 -10.34 -27.25 23.60
C GLY C 155 -11.69 -27.33 24.26
N SER C 156 -12.29 -26.16 24.51
CA SER C 156 -13.55 -26.01 25.29
C SER C 156 -14.71 -25.68 24.35
N GLU C 157 -14.40 -25.36 23.11
CA GLU C 157 -15.42 -24.91 22.12
C GLU C 157 -15.02 -25.49 20.76
N LEU C 158 -15.94 -26.19 20.12
CA LEU C 158 -15.68 -26.81 18.80
C LEU C 158 -16.61 -26.15 17.79
N ILE C 159 -16.03 -25.66 16.72
CA ILE C 159 -16.77 -25.06 15.60
C ILE C 159 -16.68 -26.04 14.44
N ASN C 160 -17.82 -26.35 13.85
CA ASN C 160 -17.90 -27.24 12.67
C ASN C 160 -17.53 -26.35 11.46
N ALA C 161 -16.35 -26.51 10.89
CA ALA C 161 -15.89 -25.61 9.82
C ALA C 161 -16.56 -25.98 8.50
N GLY C 162 -17.14 -27.18 8.40
CA GLY C 162 -18.04 -27.56 7.29
C GLY C 162 -17.35 -28.35 6.21
N GLY C 163 -16.27 -29.06 6.49
CA GLY C 163 -15.72 -30.03 5.51
C GLY C 163 -14.20 -30.15 5.54
N PRO C 164 -13.62 -31.13 4.84
CA PRO C 164 -12.18 -31.25 4.69
C PRO C 164 -11.57 -29.94 4.18
N GLY C 165 -10.56 -29.42 4.90
CA GLY C 165 -9.82 -28.22 4.50
C GLY C 165 -10.53 -26.94 4.92
N MET C 166 -11.73 -27.03 5.49
CA MET C 166 -12.50 -25.84 5.90
C MET C 166 -12.00 -25.34 7.26
N GLY C 167 -11.38 -26.21 8.07
CA GLY C 167 -10.83 -25.78 9.36
C GLY C 167 -9.67 -24.82 9.13
N ILE C 168 -8.71 -25.23 8.32
CA ILE C 168 -7.54 -24.38 8.02
C ILE C 168 -8.00 -23.13 7.27
N ARG C 169 -9.02 -23.22 6.42
CA ARG C 169 -9.54 -22.00 5.70
C ARG C 169 -10.10 -21.00 6.71
N VAL C 170 -10.90 -21.43 7.68
CA VAL C 170 -11.53 -20.46 8.61
C VAL C 170 -10.45 -19.93 9.55
N LYS C 171 -9.47 -20.74 9.91
CA LYS C 171 -8.32 -20.26 10.73
C LYS C 171 -7.59 -19.18 9.94
N LEU C 172 -7.35 -19.41 8.67
CA LEU C 172 -6.61 -18.44 7.83
C LEU C 172 -7.40 -17.14 7.68
N ILE C 173 -8.71 -17.20 7.44
CA ILE C 173 -9.54 -15.97 7.29
C ILE C 173 -9.52 -15.21 8.62
N ASN C 174 -9.71 -15.90 9.73
CA ASN C 174 -9.70 -15.28 11.06
C ASN C 174 -8.36 -14.57 11.30
N ASN C 175 -7.24 -15.28 11.12
CA ASN C 175 -5.90 -14.73 11.44
C ASN C 175 -5.54 -13.64 10.43
N TYR C 176 -5.88 -13.80 9.17
CA TYR C 176 -5.65 -12.72 8.18
C TYR C 176 -6.32 -11.44 8.72
N MET C 177 -7.58 -11.54 9.06
CA MET C 177 -8.40 -10.36 9.48
C MET C 177 -7.80 -9.81 10.78
N SER C 178 -7.55 -10.63 11.82
CA SER C 178 -7.08 -10.07 13.09
C SER C 178 -5.68 -9.47 12.90
N ILE C 179 -4.79 -10.12 12.18
CA ILE C 179 -3.39 -9.66 12.07
C ILE C 179 -3.34 -8.34 11.30
N ALA C 180 -4.03 -8.25 10.17
CA ALA C 180 -4.10 -6.98 9.39
C ALA C 180 -4.80 -5.92 10.23
N LEU C 181 -5.87 -6.28 10.97
CA LEU C 181 -6.69 -5.29 11.73
C LEU C 181 -5.80 -4.62 12.78
N ASN C 182 -4.86 -5.36 13.34
CA ASN C 182 -3.93 -4.85 14.36
C ASN C 182 -3.13 -3.70 13.76
N ALA C 183 -2.60 -3.83 12.54
CA ALA C 183 -1.82 -2.75 11.89
C ALA C 183 -2.72 -1.53 11.67
N LEU C 184 -3.98 -1.73 11.27
CA LEU C 184 -4.89 -0.58 11.03
C LEU C 184 -5.24 0.08 12.36
N SER C 185 -5.51 -0.73 13.39
CA SER C 185 -5.83 -0.26 14.75
C SER C 185 -4.72 0.64 15.27
N ALA C 186 -3.46 0.23 15.02
CA ALA C 186 -2.28 1.00 15.44
C ALA C 186 -2.26 2.37 14.76
N GLU C 187 -2.55 2.41 13.46
CA GLU C 187 -2.59 3.71 12.74
C GLU C 187 -3.61 4.64 13.40
N ALA C 188 -4.82 4.17 13.68
CA ALA C 188 -5.88 4.99 14.27
C ALA C 188 -5.40 5.49 15.64
N ALA C 189 -4.84 4.59 16.46
CA ALA C 189 -4.40 4.92 17.82
C ALA C 189 -3.25 5.94 17.80
N VAL C 190 -2.32 5.84 16.87
CA VAL C 190 -1.17 6.75 16.81
C VAL C 190 -1.63 8.11 16.26
N LEU C 191 -2.52 8.13 15.27
CA LEU C 191 -3.09 9.42 14.81
C LEU C 191 -3.80 10.10 15.99
N CYS C 192 -4.52 9.33 16.80
CA CYS C 192 -5.26 9.79 17.98
C CYS C 192 -4.29 10.49 18.94
N GLU C 193 -3.18 9.81 19.25
CA GLU C 193 -2.12 10.37 20.14
C GLU C 193 -1.55 11.65 19.50
N ALA C 194 -1.29 11.67 18.20
CA ALA C 194 -0.65 12.84 17.55
C ALA C 194 -1.62 14.03 17.62
N LEU C 195 -2.92 13.78 17.67
CA LEU C 195 -3.95 14.86 17.74
C LEU C 195 -4.20 15.27 19.20
N ASN C 196 -3.50 14.62 20.15
CA ASN C 196 -3.58 14.91 21.60
C ASN C 196 -4.99 14.54 22.10
N LEU C 197 -5.63 13.52 21.53
CA LEU C 197 -6.92 13.01 22.03
C LEU C 197 -6.63 11.81 22.90
N PRO C 198 -7.04 11.79 24.20
CA PRO C 198 -6.88 10.60 25.03
C PRO C 198 -7.50 9.38 24.37
N PHE C 199 -6.72 8.29 24.31
CA PHE C 199 -7.10 7.06 23.60
C PHE C 199 -8.41 6.49 24.17
N ASP C 200 -8.62 6.57 25.50
CA ASP C 200 -9.82 5.99 26.16
C ASP C 200 -11.09 6.62 25.56
N VAL C 201 -11.03 7.90 25.19
CA VAL C 201 -12.20 8.62 24.61
C VAL C 201 -12.49 8.01 23.24
N ALA C 202 -11.46 7.82 22.42
CA ALA C 202 -11.58 7.18 21.09
C ALA C 202 -12.16 5.77 21.24
N VAL C 203 -11.63 4.97 22.18
CA VAL C 203 -12.11 3.57 22.36
C VAL C 203 -13.60 3.59 22.77
N LYS C 204 -14.00 4.52 23.66
CA LYS C 204 -15.40 4.63 24.12
C LYS C 204 -16.28 4.88 22.89
N VAL C 205 -15.91 5.82 22.01
CA VAL C 205 -16.73 6.14 20.81
C VAL C 205 -16.75 4.94 19.88
N MET C 206 -15.58 4.39 19.58
CA MET C 206 -15.45 3.30 18.57
C MET C 206 -16.19 2.04 19.04
N SER C 207 -16.27 1.80 20.35
CA SER C 207 -16.98 0.61 20.88
CA SER C 207 -16.98 0.61 20.89
C SER C 207 -18.46 0.64 20.49
N GLY C 208 -19.01 1.82 20.18
CA GLY C 208 -20.42 1.99 19.78
C GLY C 208 -20.64 2.06 18.29
N THR C 209 -19.61 1.88 17.45
CA THR C 209 -19.76 2.01 15.97
C THR C 209 -19.08 0.83 15.29
N ALA C 210 -19.09 0.79 13.96
CA ALA C 210 -18.38 -0.24 13.19
C ALA C 210 -16.87 -0.16 13.49
N ALA C 211 -16.36 1.01 13.91
CA ALA C 211 -14.90 1.20 14.18
C ALA C 211 -14.44 0.13 15.17
N GLY C 212 -15.23 -0.10 16.22
CA GLY C 212 -14.91 -1.01 17.34
C GLY C 212 -15.67 -2.33 17.24
N LYS C 213 -16.82 -2.36 16.57
CA LYS C 213 -17.69 -3.57 16.52
C LYS C 213 -17.46 -4.33 15.22
N GLY C 214 -16.86 -3.71 14.19
CA GLY C 214 -16.72 -4.37 12.89
C GLY C 214 -17.96 -4.13 12.03
N HIS C 215 -17.81 -4.33 10.71
CA HIS C 215 -18.86 -4.14 9.68
C HIS C 215 -19.67 -5.42 9.50
N PHE C 216 -19.08 -6.58 9.76
CA PHE C 216 -19.67 -7.90 9.40
C PHE C 216 -21.11 -8.00 9.95
N THR C 217 -21.35 -7.50 11.17
CA THR C 217 -22.67 -7.65 11.85
C THR C 217 -23.36 -6.31 12.05
N THR C 218 -22.83 -5.19 11.55
CA THR C 218 -23.42 -3.83 11.77
C THR C 218 -23.89 -3.27 10.44
N SER C 219 -22.98 -2.71 9.67
CA SER C 219 -23.26 -1.97 8.42
C SER C 219 -23.61 -2.91 7.26
N TRP C 220 -23.14 -4.16 7.24
CA TRP C 220 -23.27 -5.04 6.06
C TRP C 220 -24.61 -5.77 5.98
N PRO C 221 -25.15 -6.36 7.08
CA PRO C 221 -26.29 -7.28 6.97
C PRO C 221 -27.49 -6.73 6.19
N ASN C 222 -27.94 -5.51 6.49
CA ASN C 222 -29.18 -4.94 5.92
C ASN C 222 -28.86 -4.15 4.62
N LYS C 223 -27.59 -4.04 4.23
CA LYS C 223 -27.22 -3.32 2.99
C LYS C 223 -26.63 -4.35 2.02
N VAL C 224 -25.32 -4.36 1.80
CA VAL C 224 -24.70 -5.18 0.73
C VAL C 224 -25.14 -6.65 0.90
N LEU C 225 -25.20 -7.21 2.11
CA LEU C 225 -25.49 -8.66 2.26
C LEU C 225 -26.97 -8.94 1.98
N SER C 226 -27.84 -7.92 1.94
CA SER C 226 -29.26 -8.03 1.53
C SER C 226 -29.44 -7.57 0.08
N GLY C 227 -28.36 -7.32 -0.66
CA GLY C 227 -28.42 -6.84 -2.05
C GLY C 227 -28.94 -5.42 -2.16
N ASP C 228 -28.87 -4.63 -1.09
CA ASP C 228 -29.33 -3.22 -1.07
C ASP C 228 -28.12 -2.28 -0.90
N LEU C 229 -27.76 -1.56 -1.95
CA LEU C 229 -26.64 -0.59 -1.94
C LEU C 229 -27.16 0.85 -1.87
N SER C 230 -28.46 1.06 -1.57
CA SER C 230 -28.98 2.42 -1.32
C SER C 230 -28.21 2.95 -0.10
N PRO C 231 -27.73 4.21 -0.12
CA PRO C 231 -26.78 4.65 0.91
C PRO C 231 -27.36 4.98 2.28
N ALA C 232 -26.80 4.40 3.33
CA ALA C 232 -26.86 4.97 4.69
C ALA C 232 -25.72 5.99 4.81
N PHE C 233 -24.54 5.63 4.31
CA PHE C 233 -23.31 6.48 4.33
C PHE C 233 -22.62 6.29 2.99
N MET C 234 -22.66 7.33 2.16
CA MET C 234 -22.19 7.25 0.76
C MET C 234 -20.67 7.05 0.70
N ILE C 235 -20.24 6.27 -0.27
CA ILE C 235 -18.81 6.09 -0.61
C ILE C 235 -18.12 7.44 -0.81
N ASP C 236 -18.77 8.42 -1.44
CA ASP C 236 -18.17 9.76 -1.67
C ASP C 236 -17.79 10.41 -0.34
N LEU C 237 -18.65 10.32 0.67
CA LEU C 237 -18.41 10.92 2.00
C LEU C 237 -17.28 10.14 2.69
N ALA C 238 -17.32 8.82 2.61
CA ALA C 238 -16.28 7.97 3.26
C ALA C 238 -14.93 8.32 2.66
N HIS C 239 -14.88 8.44 1.33
CA HIS C 239 -13.66 8.80 0.60
C HIS C 239 -13.16 10.20 1.02
N LYS C 240 -14.07 11.15 1.15
CA LYS C 240 -13.70 12.51 1.61
C LYS C 240 -13.07 12.42 3.02
N ASP C 241 -13.70 11.70 3.94
CA ASP C 241 -13.23 11.59 5.34
C ASP C 241 -11.84 10.93 5.39
N LEU C 242 -11.60 9.94 4.54
CA LEU C 242 -10.25 9.30 4.46
C LEU C 242 -9.24 10.35 4.02
N GLY C 243 -9.61 11.20 3.05
CA GLY C 243 -8.69 12.24 2.59
C GLY C 243 -8.36 13.18 3.73
N ILE C 244 -9.34 13.53 4.57
CA ILE C 244 -9.09 14.42 5.74
C ILE C 244 -8.14 13.72 6.72
N ALA C 245 -8.42 12.47 7.07
CA ALA C 245 -7.54 11.69 7.97
C ALA C 245 -6.11 11.67 7.42
N LEU C 246 -5.94 11.41 6.12
CA LEU C 246 -4.57 11.32 5.52
C LEU C 246 -3.92 12.70 5.44
N ASP C 247 -4.72 13.76 5.26
CA ASP C 247 -4.18 15.15 5.27
C ASP C 247 -3.57 15.42 6.66
N VAL C 248 -4.33 15.11 7.69
CA VAL C 248 -3.92 15.31 9.11
C VAL C 248 -2.68 14.45 9.38
N ALA C 249 -2.74 13.17 9.04
CA ALA C 249 -1.64 12.23 9.32
C ALA C 249 -0.37 12.73 8.66
N ASN C 250 -0.47 13.20 7.42
CA ASN C 250 0.73 13.66 6.65
C ASN C 250 1.23 14.98 7.24
N GLN C 251 0.36 15.85 7.77
CA GLN C 251 0.82 17.09 8.43
C GLN C 251 1.52 16.73 9.74
N LEU C 252 1.06 15.70 10.45
CA LEU C 252 1.59 15.33 11.78
C LEU C 252 2.64 14.20 11.69
N HIS C 253 3.11 13.84 10.48
CA HIS C 253 4.09 12.77 10.21
C HIS C 253 3.74 11.47 10.96
N VAL C 254 2.47 11.06 10.87
CA VAL C 254 2.00 9.72 11.28
C VAL C 254 1.85 8.90 10.02
N PRO C 255 2.77 7.95 9.73
CA PRO C 255 2.65 7.10 8.54
C PRO C 255 1.41 6.20 8.68
N MET C 256 0.56 6.23 7.67
CA MET C 256 -0.68 5.41 7.65
C MET C 256 -0.79 4.66 6.34
N PRO C 257 0.07 3.64 6.13
CA PRO C 257 0.03 2.88 4.89
C PRO C 257 -1.30 2.19 4.62
N LEU C 258 -1.95 1.60 5.63
CA LEU C 258 -3.23 0.90 5.37
C LEU C 258 -4.31 1.94 5.03
N GLY C 259 -4.33 3.09 5.72
CA GLY C 259 -5.25 4.18 5.38
C GLY C 259 -5.03 4.69 3.96
N ALA C 260 -3.79 4.92 3.58
CA ALA C 260 -3.41 5.39 2.24
C ALA C 260 -3.89 4.35 1.20
N ALA C 261 -3.64 3.07 1.44
CA ALA C 261 -4.12 1.98 0.54
C ALA C 261 -5.64 2.01 0.50
N SER C 262 -6.31 2.18 1.65
CA SER C 262 -7.79 2.09 1.70
C SER C 262 -8.40 3.23 0.85
N ARG C 263 -7.82 4.42 0.87
CA ARG C 263 -8.40 5.53 0.08
C ARG C 263 -8.35 5.20 -1.42
N GLU C 264 -7.30 4.56 -1.89
CA GLU C 264 -7.19 4.19 -3.35
C GLU C 264 -8.22 3.11 -3.69
N VAL C 265 -8.62 2.28 -2.72
CA VAL C 265 -9.74 1.31 -2.91
C VAL C 265 -11.05 2.10 -3.08
N TYR C 266 -11.31 3.07 -2.22
CA TYR C 266 -12.56 3.87 -2.34
C TYR C 266 -12.49 4.66 -3.66
N SER C 267 -11.30 5.11 -4.07
CA SER C 267 -11.12 5.87 -5.34
C SER C 267 -11.53 4.97 -6.53
N GLN C 268 -11.12 3.71 -6.50
CA GLN C 268 -11.52 2.74 -7.53
C GLN C 268 -13.03 2.53 -7.55
N ALA C 269 -13.65 2.40 -6.38
CA ALA C 269 -15.12 2.33 -6.26
C ALA C 269 -15.77 3.56 -6.92
N ARG C 270 -15.26 4.77 -6.66
CA ARG C 270 -15.79 6.02 -7.27
C ARG C 270 -15.60 5.96 -8.80
N ALA C 271 -14.46 5.49 -9.29
CA ALA C 271 -14.20 5.33 -10.74
C ALA C 271 -15.22 4.35 -11.33
N ALA C 272 -15.66 3.34 -10.59
CA ALA C 272 -16.62 2.32 -11.06
C ALA C 272 -18.06 2.84 -10.95
N GLY C 273 -18.30 4.07 -10.50
CA GLY C 273 -19.65 4.67 -10.47
C GLY C 273 -20.37 4.40 -9.16
N ARG C 274 -19.66 4.03 -8.08
CA ARG C 274 -20.30 3.65 -6.80
C ARG C 274 -20.34 4.81 -5.79
N GLY C 275 -19.94 6.03 -6.16
CA GLY C 275 -19.80 7.12 -5.19
C GLY C 275 -21.05 7.38 -4.37
N ARG C 276 -22.25 7.17 -4.93
CA ARG C 276 -23.53 7.44 -4.20
C ARG C 276 -24.09 6.15 -3.62
N GLN C 277 -23.35 5.04 -3.70
CA GLN C 277 -23.76 3.77 -3.05
C GLN C 277 -23.37 3.76 -1.58
N ASP C 278 -24.04 2.93 -0.80
CA ASP C 278 -23.68 2.70 0.62
C ASP C 278 -22.22 2.26 0.71
N TRP C 279 -21.53 2.64 1.78
CA TRP C 279 -20.13 2.20 1.99
C TRP C 279 -20.01 0.66 1.98
N SER C 280 -21.03 -0.09 2.34
CA SER C 280 -20.99 -1.57 2.28
C SER C 280 -20.77 -2.08 0.86
N ALA C 281 -21.00 -1.25 -0.15
CA ALA C 281 -20.75 -1.62 -1.57
C ALA C 281 -19.27 -1.89 -1.81
N ILE C 282 -18.37 -1.43 -0.92
CA ILE C 282 -16.93 -1.77 -1.06
C ILE C 282 -16.77 -3.30 -1.16
N LEU C 283 -17.60 -4.09 -0.47
CA LEU C 283 -17.55 -5.57 -0.60
C LEU C 283 -17.75 -5.97 -2.06
N GLU C 284 -18.77 -5.43 -2.72
CA GLU C 284 -19.04 -5.77 -4.14
C GLU C 284 -17.86 -5.29 -5.01
N GLN C 285 -17.32 -4.11 -4.75
CA GLN C 285 -16.15 -3.60 -5.50
C GLN C 285 -14.99 -4.60 -5.41
N VAL C 286 -14.66 -5.08 -4.21
CA VAL C 286 -13.54 -6.05 -4.04
C VAL C 286 -13.88 -7.38 -4.75
N ARG C 287 -15.13 -7.84 -4.69
CA ARG C 287 -15.55 -9.07 -5.40
C ARG C 287 -15.28 -8.89 -6.90
N VAL C 288 -15.70 -7.75 -7.46
CA VAL C 288 -15.52 -7.47 -8.92
C VAL C 288 -14.03 -7.38 -9.23
N SER C 289 -13.24 -6.74 -8.40
CA SER C 289 -11.77 -6.61 -8.60
C SER C 289 -11.12 -8.00 -8.61
N ALA C 290 -11.70 -8.97 -7.88
CA ALA C 290 -11.24 -10.37 -7.81
C ALA C 290 -11.77 -11.21 -8.96
N GLY C 291 -12.46 -10.61 -9.94
CA GLY C 291 -12.97 -11.36 -11.11
C GLY C 291 -14.27 -12.10 -10.81
N MET C 292 -14.93 -11.83 -9.70
CA MET C 292 -16.20 -12.53 -9.36
C MET C 292 -17.37 -11.81 -10.04
N THR C 293 -18.46 -12.54 -10.25
CA THR C 293 -19.71 -12.00 -10.82
C THR C 293 -20.37 -11.07 -9.79
N ALA C 294 -20.64 -9.81 -10.17
CA ALA C 294 -21.45 -8.83 -9.39
C ALA C 294 -22.74 -9.52 -8.92
N LYS C 295 -23.10 -9.31 -7.65
CA LYS C 295 -24.35 -9.85 -7.04
C LYS C 295 -25.45 -8.77 -7.11
N VAL C 296 -25.10 -7.48 -7.03
CA VAL C 296 -26.09 -6.35 -7.06
C VAL C 296 -26.01 -5.62 -8.41
N ALA D 2 -35.56 27.55 23.79
CA ALA D 2 -34.49 28.53 23.53
C ALA D 2 -34.58 29.10 22.11
N ALA D 3 -33.95 30.24 21.88
CA ALA D 3 -33.81 30.91 20.58
C ALA D 3 -32.57 30.33 19.90
N ILE D 4 -32.77 29.67 18.76
CA ILE D 4 -31.69 28.91 18.06
C ILE D 4 -31.61 29.40 16.63
N ALA D 5 -30.39 29.60 16.11
CA ALA D 5 -30.13 29.75 14.67
C ALA D 5 -29.62 28.39 14.16
N PHE D 6 -30.09 27.96 12.99
CA PHE D 6 -29.64 26.71 12.36
C PHE D 6 -29.23 27.04 10.94
N ILE D 7 -27.94 26.84 10.62
CA ILE D 7 -27.42 27.10 9.25
C ILE D 7 -26.93 25.77 8.69
N GLY D 8 -27.54 25.34 7.59
CA GLY D 8 -27.18 24.08 6.93
C GLY D 8 -28.33 23.12 7.05
N LEU D 9 -29.14 23.05 5.99
CA LEU D 9 -30.40 22.27 6.00
C LEU D 9 -30.29 21.13 4.98
N GLY D 10 -29.14 20.46 4.95
CA GLY D 10 -28.92 19.28 4.10
C GLY D 10 -29.52 18.02 4.67
N GLN D 11 -29.02 16.86 4.25
CA GLN D 11 -29.65 15.54 4.54
C GLN D 11 -29.63 15.34 6.07
N MET D 12 -28.60 15.84 6.75
CA MET D 12 -28.49 15.75 8.22
C MET D 12 -29.13 16.97 8.88
N GLY D 13 -28.82 18.18 8.39
CA GLY D 13 -29.23 19.42 9.07
C GLY D 13 -30.75 19.58 9.12
N SER D 14 -31.46 19.26 8.05
CA SER D 14 -32.94 19.45 7.95
C SER D 14 -33.64 18.69 9.07
N PRO D 15 -33.44 17.36 9.21
CA PRO D 15 -34.10 16.64 10.31
C PRO D 15 -33.62 17.06 11.70
N MET D 16 -32.36 17.46 11.85
CA MET D 16 -31.83 17.96 13.14
C MET D 16 -32.62 19.22 13.52
N ALA D 17 -32.73 20.19 12.62
CA ALA D 17 -33.49 21.44 12.83
C ALA D 17 -34.94 21.07 13.14
N SER D 18 -35.50 20.13 12.40
CA SER D 18 -36.91 19.67 12.59
C SER D 18 -37.12 19.19 14.02
N ASN D 19 -36.19 18.41 14.58
CA ASN D 19 -36.27 17.89 15.96
C ASN D 19 -36.21 19.05 16.96
N LEU D 20 -35.40 20.07 16.70
CA LEU D 20 -35.35 21.22 17.63
C LEU D 20 -36.73 21.91 17.68
N LEU D 21 -37.39 22.10 16.54
CA LEU D 21 -38.75 22.69 16.44
C LEU D 21 -39.74 21.86 17.25
N GLN D 22 -39.67 20.53 17.14
CA GLN D 22 -40.58 19.57 17.81
C GLN D 22 -40.46 19.75 19.32
N GLN D 23 -39.28 20.08 19.83
CA GLN D 23 -39.03 20.21 21.29
C GLN D 23 -39.38 21.62 21.74
N GLY D 24 -39.92 22.46 20.87
CA GLY D 24 -40.53 23.76 21.23
C GLY D 24 -39.55 24.92 21.19
N HIS D 25 -38.36 24.73 20.63
CA HIS D 25 -37.41 25.86 20.39
C HIS D 25 -37.94 26.73 19.25
N GLN D 26 -37.59 28.02 19.27
CA GLN D 26 -37.81 28.99 18.17
C GLN D 26 -36.54 29.00 17.31
N LEU D 27 -36.65 28.58 16.06
CA LEU D 27 -35.50 28.47 15.12
C LEU D 27 -35.60 29.56 14.05
N ARG D 28 -34.48 30.23 13.81
CA ARG D 28 -34.22 31.04 12.60
C ARG D 28 -33.29 30.17 11.74
N VAL D 29 -33.70 29.82 10.53
CA VAL D 29 -32.93 28.88 9.67
C VAL D 29 -32.41 29.61 8.44
N PHE D 30 -31.26 29.16 7.95
CA PHE D 30 -30.67 29.66 6.71
C PHE D 30 -30.00 28.49 6.00
N ASP D 31 -30.15 28.44 4.69
CA ASP D 31 -29.37 27.56 3.79
C ASP D 31 -29.33 28.24 2.42
N VAL D 32 -28.37 27.91 1.57
CA VAL D 32 -28.28 28.42 0.18
C VAL D 32 -29.43 27.86 -0.66
N ASN D 33 -30.01 26.72 -0.28
CA ASN D 33 -31.17 26.11 -0.97
C ASN D 33 -32.47 26.67 -0.38
N ALA D 34 -33.18 27.52 -1.13
CA ALA D 34 -34.39 28.22 -0.63
C ALA D 34 -35.51 27.21 -0.34
N GLU D 35 -35.60 26.10 -1.07
CA GLU D 35 -36.65 25.06 -0.84
C GLU D 35 -36.40 24.40 0.53
N ALA D 36 -35.14 24.15 0.91
CA ALA D 36 -34.82 23.56 2.23
C ALA D 36 -35.28 24.53 3.34
N VAL D 37 -35.06 25.83 3.15
CA VAL D 37 -35.51 26.87 4.14
C VAL D 37 -37.05 26.83 4.22
N ARG D 38 -37.72 26.86 3.06
CA ARG D 38 -39.22 26.85 2.93
C ARG D 38 -39.76 25.64 3.71
N HIS D 39 -39.15 24.46 3.58
CA HIS D 39 -39.63 23.22 4.24
C HIS D 39 -39.63 23.41 5.77
N LEU D 40 -38.60 24.05 6.33
CA LEU D 40 -38.54 24.27 7.80
C LEU D 40 -39.51 25.41 8.18
N VAL D 41 -39.62 26.44 7.35
CA VAL D 41 -40.56 27.57 7.61
C VAL D 41 -41.99 27.01 7.66
N ASP D 42 -42.34 26.06 6.80
CA ASP D 42 -43.68 25.40 6.83
C ASP D 42 -43.90 24.67 8.15
N LYS D 43 -42.84 24.22 8.85
CA LYS D 43 -42.97 23.53 10.16
C LYS D 43 -42.88 24.53 11.32
N GLY D 44 -42.70 25.83 11.06
CA GLY D 44 -42.76 26.86 12.10
C GLY D 44 -41.42 27.54 12.37
N ALA D 45 -40.40 27.27 11.58
CA ALA D 45 -39.13 28.04 11.64
C ALA D 45 -39.39 29.44 11.08
N THR D 46 -38.61 30.41 11.53
CA THR D 46 -38.43 31.74 10.92
C THR D 46 -37.33 31.65 9.87
N PRO D 47 -37.53 32.19 8.66
CA PRO D 47 -36.47 32.28 7.66
C PRO D 47 -35.48 33.41 7.99
N ALA D 48 -34.23 33.22 7.60
CA ALA D 48 -33.21 34.29 7.64
C ALA D 48 -32.68 34.49 6.22
N ALA D 49 -32.32 35.72 5.88
CA ALA D 49 -31.76 36.10 4.57
C ALA D 49 -30.29 35.70 4.48
N ASN D 50 -29.64 35.55 5.63
CA ASN D 50 -28.19 35.26 5.69
C ASN D 50 -27.85 34.82 7.11
N PRO D 51 -26.63 34.29 7.32
CA PRO D 51 -26.25 33.85 8.66
C PRO D 51 -26.32 34.93 9.76
N ALA D 52 -25.91 36.17 9.45
CA ALA D 52 -25.97 37.30 10.42
C ALA D 52 -27.40 37.46 10.96
N GLN D 53 -28.41 37.44 10.08
CA GLN D 53 -29.83 37.60 10.48
C GLN D 53 -30.25 36.37 11.29
N ALA D 54 -29.81 35.17 10.91
CA ALA D 54 -30.15 33.94 11.65
C ALA D 54 -29.66 34.10 13.09
N ALA D 55 -28.45 34.64 13.29
CA ALA D 55 -27.74 34.68 14.59
C ALA D 55 -28.35 35.74 15.50
N LYS D 56 -28.99 36.78 14.95
CA LYS D 56 -29.45 37.98 15.73
C LYS D 56 -30.43 37.51 16.80
N ASP D 57 -30.12 37.74 18.08
CA ASP D 57 -30.97 37.41 19.25
C ASP D 57 -31.07 35.90 19.46
N ALA D 58 -30.22 35.07 18.81
CA ALA D 58 -30.15 33.63 19.08
C ALA D 58 -29.24 33.40 20.29
N GLU D 59 -29.60 32.44 21.13
CA GLU D 59 -28.77 31.99 22.25
C GLU D 59 -27.80 30.91 21.74
N PHE D 60 -28.27 30.00 20.88
CA PHE D 60 -27.45 28.90 20.31
C PHE D 60 -27.45 29.04 18.79
N ILE D 61 -26.27 28.95 18.17
CA ILE D 61 -26.12 29.03 16.70
C ILE D 61 -25.50 27.70 16.26
N ILE D 62 -26.24 26.90 15.50
CA ILE D 62 -25.75 25.58 15.01
C ILE D 62 -25.40 25.71 13.53
N THR D 63 -24.21 25.20 13.15
CA THR D 63 -23.84 25.01 11.74
C THR D 63 -23.75 23.50 11.45
N MET D 64 -24.30 23.08 10.31
CA MET D 64 -24.17 21.69 9.80
C MET D 64 -23.90 21.79 8.31
N LEU D 65 -22.62 21.78 7.92
CA LEU D 65 -22.17 22.10 6.55
C LEU D 65 -21.16 21.09 6.04
N PRO D 66 -20.98 21.00 4.70
CA PRO D 66 -20.17 19.95 4.09
C PRO D 66 -18.67 20.02 4.38
N ASN D 67 -18.11 21.19 4.66
CA ASN D 67 -16.63 21.31 4.80
C ASN D 67 -16.24 22.58 5.55
N GLY D 68 -14.98 22.65 5.96
CA GLY D 68 -14.46 23.74 6.81
C GLY D 68 -14.45 25.08 6.10
N ASP D 69 -14.26 25.14 4.78
CA ASP D 69 -14.30 26.44 4.05
C ASP D 69 -15.73 27.04 4.16
N LEU D 70 -16.76 26.23 4.01
CA LEU D 70 -18.17 26.69 4.10
C LEU D 70 -18.48 27.12 5.54
N VAL D 71 -17.99 26.39 6.55
CA VAL D 71 -18.21 26.81 7.97
C VAL D 71 -17.54 28.18 8.17
N ARG D 72 -16.30 28.35 7.72
CA ARG D 72 -15.58 29.63 7.91
C ARG D 72 -16.38 30.75 7.22
N ASN D 73 -16.87 30.52 6.00
CA ASN D 73 -17.58 31.56 5.22
C ASN D 73 -18.87 31.93 5.94
N VAL D 74 -19.59 30.97 6.52
CA VAL D 74 -20.87 31.23 7.23
C VAL D 74 -20.59 32.01 8.53
N LEU D 75 -19.45 31.77 9.20
CA LEU D 75 -19.15 32.41 10.51
C LEU D 75 -18.50 33.78 10.31
N PHE D 76 -17.56 33.89 9.37
CA PHE D 76 -16.65 35.05 9.25
C PHE D 76 -16.84 35.81 7.93
N GLY D 77 -17.59 35.27 6.96
CA GLY D 77 -17.74 35.89 5.62
C GLY D 77 -18.72 37.06 5.64
N GLU D 78 -19.02 37.61 4.46
CA GLU D 78 -20.04 38.67 4.24
C GLU D 78 -21.37 38.20 4.85
N ASN D 79 -21.97 39.01 5.70
CA ASN D 79 -23.25 38.74 6.42
C ASN D 79 -23.09 37.43 7.22
N GLY D 80 -21.89 37.22 7.79
CA GLY D 80 -21.57 36.01 8.56
C GLY D 80 -22.17 36.08 9.95
N VAL D 81 -22.19 34.94 10.63
CA VAL D 81 -22.76 34.84 12.01
C VAL D 81 -22.16 35.91 12.91
N CYS D 82 -20.85 36.15 12.82
CA CYS D 82 -20.14 37.11 13.72
CA CYS D 82 -20.12 37.12 13.69
C CYS D 82 -20.80 38.50 13.70
N GLU D 83 -21.39 38.91 12.58
CA GLU D 83 -22.05 40.24 12.46
C GLU D 83 -23.36 40.29 13.27
N GLY D 84 -23.95 39.14 13.64
CA GLY D 84 -25.23 39.12 14.38
C GLY D 84 -25.12 38.51 15.75
N LEU D 85 -23.91 38.12 16.16
CA LEU D 85 -23.72 37.22 17.32
C LEU D 85 -23.60 38.05 18.60
N SER D 86 -24.33 37.66 19.65
CA SER D 86 -24.14 38.15 21.04
C SER D 86 -22.93 37.43 21.68
N THR D 87 -22.20 38.12 22.56
CA THR D 87 -21.07 37.52 23.33
C THR D 87 -21.60 36.49 24.32
N ASP D 88 -22.90 36.51 24.66
CA ASP D 88 -23.51 35.53 25.60
C ASP D 88 -23.97 34.27 24.85
N ALA D 89 -23.99 34.28 23.52
CA ALA D 89 -24.49 33.15 22.71
C ALA D 89 -23.42 32.06 22.63
N LEU D 90 -23.80 30.87 22.13
CA LEU D 90 -22.85 29.73 21.97
C LEU D 90 -23.01 29.17 20.57
N VAL D 91 -21.93 29.18 19.80
CA VAL D 91 -21.89 28.58 18.44
C VAL D 91 -21.51 27.10 18.59
N ILE D 92 -22.27 26.24 17.94
CA ILE D 92 -22.05 24.77 17.93
C ILE D 92 -21.83 24.33 16.49
N ASP D 93 -20.61 23.99 16.10
CA ASP D 93 -20.38 23.43 14.75
C ASP D 93 -20.56 21.92 14.84
N MET D 94 -21.54 21.40 14.12
CA MET D 94 -21.85 19.95 14.13
C MET D 94 -21.34 19.31 12.83
N SER D 95 -20.55 20.04 12.07
CA SER D 95 -19.95 19.62 10.78
C SER D 95 -18.80 18.65 11.04
N THR D 96 -18.54 17.78 10.10
CA THR D 96 -17.32 16.95 10.05
C THR D 96 -16.34 17.65 9.12
N ILE D 97 -15.34 18.32 9.70
CA ILE D 97 -14.32 19.12 8.95
C ILE D 97 -12.94 18.78 9.50
N HIS D 98 -11.89 19.37 8.93
CA HIS D 98 -10.49 19.18 9.37
CA HIS D 98 -10.49 19.14 9.40
C HIS D 98 -10.36 19.68 10.81
N PRO D 99 -9.78 18.90 11.74
CA PRO D 99 -9.71 19.30 13.14
C PRO D 99 -8.86 20.57 13.37
N LEU D 100 -7.83 20.80 12.57
CA LEU D 100 -7.01 22.02 12.72
C LEU D 100 -7.82 23.23 12.21
N GLN D 101 -8.77 23.03 11.28
CA GLN D 101 -9.73 24.10 10.86
C GLN D 101 -10.68 24.39 12.03
N THR D 102 -11.21 23.37 12.69
CA THR D 102 -12.06 23.55 13.90
C THR D 102 -11.30 24.39 14.94
N ASP D 103 -10.05 24.02 15.25
CA ASP D 103 -9.25 24.74 16.26
C ASP D 103 -9.15 26.21 15.87
N LYS D 104 -8.86 26.50 14.61
CA LYS D 104 -8.65 27.87 14.13
C LYS D 104 -9.98 28.65 14.19
N LEU D 105 -11.11 28.03 13.87
CA LEU D 105 -12.44 28.71 13.97
C LEU D 105 -12.72 29.03 15.44
N ILE D 106 -12.48 28.08 16.33
CA ILE D 106 -12.74 28.30 17.80
C ILE D 106 -11.85 29.44 18.29
N ALA D 107 -10.57 29.46 17.93
CA ALA D 107 -9.61 30.52 18.31
C ALA D 107 -10.05 31.87 17.75
N ASP D 108 -10.46 31.92 16.48
CA ASP D 108 -10.83 33.17 15.79
C ASP D 108 -12.10 33.73 16.43
N MET D 109 -13.02 32.85 16.82
CA MET D 109 -14.26 33.25 17.54
C MET D 109 -13.88 33.82 18.90
N GLN D 110 -12.97 33.17 19.63
CA GLN D 110 -12.60 33.60 21.00
C GLN D 110 -11.91 34.97 20.92
N ALA D 111 -11.10 35.22 19.88
CA ALA D 111 -10.43 36.52 19.64
C ALA D 111 -11.45 37.66 19.49
N LYS D 112 -12.67 37.38 19.02
CA LYS D 112 -13.75 38.39 18.87
C LYS D 112 -14.70 38.33 20.07
N GLY D 113 -14.34 37.62 21.14
CA GLY D 113 -15.14 37.52 22.39
C GLY D 113 -16.30 36.55 22.27
N PHE D 114 -16.31 35.69 21.25
CA PHE D 114 -17.40 34.71 21.00
C PHE D 114 -16.99 33.31 21.45
N SER D 115 -18.00 32.52 21.83
CA SER D 115 -17.83 31.14 22.34
CA SER D 115 -17.85 31.14 22.35
C SER D 115 -18.28 30.14 21.25
N MET D 116 -17.41 29.18 20.93
CA MET D 116 -17.71 28.15 19.90
C MET D 116 -17.19 26.80 20.37
N MET D 117 -17.97 25.75 20.11
CA MET D 117 -17.61 24.36 20.45
C MET D 117 -17.89 23.49 19.22
N ASP D 118 -17.26 22.33 19.20
CA ASP D 118 -17.36 21.31 18.13
C ASP D 118 -18.18 20.14 18.66
N VAL D 119 -19.35 19.91 18.06
CA VAL D 119 -20.18 18.71 18.38
C VAL D 119 -20.59 18.05 17.07
N PRO D 120 -19.64 17.38 16.38
CA PRO D 120 -20.00 16.54 15.25
C PRO D 120 -20.80 15.33 15.74
N VAL D 121 -21.38 14.59 14.82
CA VAL D 121 -22.32 13.50 15.19
C VAL D 121 -21.93 12.20 14.49
N GLY D 122 -22.18 11.08 15.18
CA GLY D 122 -22.14 9.73 14.61
C GLY D 122 -23.54 9.27 14.27
N ARG D 123 -23.62 8.24 13.42
CA ARG D 123 -24.85 7.64 12.83
C ARG D 123 -25.34 8.55 11.70
N THR D 124 -26.32 8.08 10.93
CA THR D 124 -26.61 8.62 9.58
C THR D 124 -27.96 9.34 9.60
N SER D 125 -28.47 9.72 8.43
CA SER D 125 -29.64 10.64 8.34
C SER D 125 -30.91 9.96 8.90
N ALA D 126 -31.03 8.64 8.84
CA ALA D 126 -32.18 7.90 9.43
C ALA D 126 -32.25 8.23 10.93
N ASN D 127 -31.09 8.22 11.59
CA ASN D 127 -30.96 8.57 13.03
C ASN D 127 -31.18 10.07 13.21
N ALA D 128 -30.79 10.90 12.25
CA ALA D 128 -31.03 12.36 12.33
C ALA D 128 -32.55 12.60 12.41
N ILE D 129 -33.32 11.86 11.61
CA ILE D 129 -34.81 12.01 11.56
C ILE D 129 -35.40 11.68 12.93
N THR D 130 -34.95 10.61 13.58
CA THR D 130 -35.53 10.12 14.86
C THR D 130 -34.86 10.75 16.08
N GLY D 131 -33.89 11.66 15.90
CA GLY D 131 -33.18 12.27 17.05
C GLY D 131 -32.33 11.26 17.82
N THR D 132 -31.80 10.25 17.14
CA THR D 132 -30.98 9.17 17.77
C THR D 132 -29.51 9.24 17.30
N LEU D 133 -29.02 10.43 16.90
CA LEU D 133 -27.58 10.63 16.59
C LEU D 133 -26.73 10.42 17.84
N LEU D 134 -25.47 10.07 17.62
CA LEU D 134 -24.42 10.01 18.66
C LEU D 134 -23.75 11.39 18.70
N LEU D 135 -23.83 12.08 19.83
CA LEU D 135 -23.29 13.45 19.97
C LEU D 135 -21.86 13.31 20.47
N LEU D 136 -20.90 13.77 19.67
CA LEU D 136 -19.47 13.75 20.03
C LEU D 136 -19.09 15.16 20.51
N ALA D 137 -19.30 15.44 21.79
CA ALA D 137 -19.29 16.80 22.35
C ALA D 137 -17.88 17.26 22.73
N GLY D 138 -17.28 18.06 21.85
CA GLY D 138 -16.12 18.88 22.16
C GLY D 138 -16.57 20.09 22.94
N GLY D 139 -15.63 20.92 23.33
CA GLY D 139 -15.91 22.13 24.12
C GLY D 139 -15.46 21.99 25.56
N THR D 140 -15.45 23.11 26.29
CA THR D 140 -15.12 23.12 27.73
C THR D 140 -16.25 22.40 28.47
N ALA D 141 -15.98 21.95 29.70
CA ALA D 141 -17.00 21.37 30.60
C ALA D 141 -18.25 22.27 30.63
N GLU D 142 -18.05 23.60 30.79
CA GLU D 142 -19.14 24.62 30.91
C GLU D 142 -19.93 24.64 29.59
N GLN D 143 -19.26 24.62 28.44
CA GLN D 143 -19.97 24.64 27.12
C GLN D 143 -20.80 23.36 26.98
N VAL D 144 -20.22 22.20 27.29
CA VAL D 144 -20.95 20.91 27.10
C VAL D 144 -22.20 20.92 28.01
N GLU D 145 -22.02 21.39 29.25
CA GLU D 145 -23.15 21.48 30.24
C GLU D 145 -24.23 22.38 29.65
N ARG D 146 -23.86 23.55 29.16
CA ARG D 146 -24.84 24.54 28.64
C ARG D 146 -25.55 23.97 27.39
N ALA D 147 -24.84 23.26 26.52
CA ALA D 147 -25.41 22.85 25.21
C ALA D 147 -26.26 21.58 25.36
N THR D 148 -26.04 20.80 26.42
CA THR D 148 -26.57 19.41 26.51
C THR D 148 -28.08 19.39 26.29
N PRO D 149 -28.90 20.24 26.93
CA PRO D 149 -30.34 20.20 26.76
C PRO D 149 -30.77 20.37 25.29
N ILE D 150 -30.11 21.27 24.55
CA ILE D 150 -30.32 21.49 23.08
C ILE D 150 -29.88 20.23 22.33
N LEU D 151 -28.68 19.74 22.62
CA LEU D 151 -28.10 18.61 21.85
C LEU D 151 -29.00 17.39 22.00
N MET D 152 -29.61 17.15 23.17
CA MET D 152 -30.39 15.92 23.40
C MET D 152 -31.71 15.95 22.60
N ALA D 153 -32.06 17.06 21.96
CA ALA D 153 -33.18 17.12 21.00
C ALA D 153 -32.79 16.43 19.70
N MET D 154 -31.48 16.37 19.38
CA MET D 154 -31.01 15.87 18.06
C MET D 154 -30.35 14.49 18.19
N GLY D 155 -29.85 14.14 19.37
CA GLY D 155 -29.21 12.84 19.60
C GLY D 155 -29.69 12.18 20.87
N SER D 156 -29.46 10.87 20.97
CA SER D 156 -29.96 10.00 22.05
C SER D 156 -28.82 9.63 23.00
N GLU D 157 -27.58 9.90 22.60
CA GLU D 157 -26.40 9.57 23.45
C GLU D 157 -25.35 10.68 23.26
N LEU D 158 -24.83 11.21 24.36
CA LEU D 158 -23.78 12.24 24.33
C LEU D 158 -22.52 11.67 24.95
N ILE D 159 -21.40 11.81 24.23
CA ILE D 159 -20.06 11.45 24.75
C ILE D 159 -19.31 12.76 24.96
N ASN D 160 -18.81 12.98 26.16
CA ASN D 160 -18.00 14.18 26.48
C ASN D 160 -16.58 13.88 26.01
N ALA D 161 -16.13 14.53 24.93
CA ALA D 161 -14.85 14.24 24.27
C ALA D 161 -13.71 14.83 25.09
N GLY D 162 -14.00 15.75 26.02
CA GLY D 162 -13.04 16.20 27.05
C GLY D 162 -12.27 17.45 26.64
N GLY D 163 -12.79 18.28 25.76
CA GLY D 163 -12.20 19.60 25.54
C GLY D 163 -12.54 20.19 24.18
N PRO D 164 -12.28 21.51 24.01
CA PRO D 164 -12.39 22.18 22.72
C PRO D 164 -11.62 21.37 21.66
N GLY D 165 -12.27 21.02 20.55
CA GLY D 165 -11.60 20.37 19.41
C GLY D 165 -11.50 18.87 19.57
N MET D 166 -11.90 18.32 20.72
CA MET D 166 -11.82 16.87 20.99
C MET D 166 -13.01 16.17 20.32
N GLY D 167 -14.13 16.85 20.09
CA GLY D 167 -15.25 16.21 19.40
C GLY D 167 -14.91 15.91 17.97
N ILE D 168 -14.42 16.89 17.23
CA ILE D 168 -14.03 16.67 15.81
C ILE D 168 -12.88 15.65 15.76
N ARG D 169 -11.97 15.68 16.73
CA ARG D 169 -10.85 14.67 16.77
C ARG D 169 -11.40 13.26 16.88
N VAL D 170 -12.31 13.02 17.82
CA VAL D 170 -12.79 11.64 18.05
C VAL D 170 -13.66 11.23 16.86
N LYS D 171 -14.40 12.16 16.25
CA LYS D 171 -15.18 11.84 15.04
C LYS D 171 -14.20 11.40 13.93
N LEU D 172 -13.10 12.13 13.76
CA LEU D 172 -12.14 11.80 12.68
C LEU D 172 -11.50 10.43 12.96
N ILE D 173 -11.11 10.15 14.21
CA ILE D 173 -10.47 8.85 14.55
C ILE D 173 -11.47 7.72 14.31
N ASN D 174 -12.70 7.90 14.78
CA ASN D 174 -13.76 6.89 14.59
C ASN D 174 -13.96 6.58 13.11
N ASN D 175 -14.17 7.62 12.30
CA ASN D 175 -14.49 7.44 10.88
C ASN D 175 -13.27 6.91 10.13
N TYR D 176 -12.08 7.39 10.46
CA TYR D 176 -10.85 6.86 9.82
C TYR D 176 -10.86 5.33 10.00
N MET D 177 -11.01 4.91 11.25
CA MET D 177 -10.95 3.48 11.62
C MET D 177 -12.09 2.72 10.91
N SER D 178 -13.35 3.17 11.00
CA SER D 178 -14.46 2.39 10.39
C SER D 178 -14.30 2.37 8.87
N ILE D 179 -13.95 3.48 8.24
CA ILE D 179 -13.90 3.54 6.76
C ILE D 179 -12.78 2.63 6.24
N ALA D 180 -11.58 2.70 6.82
CA ALA D 180 -10.47 1.80 6.42
C ALA D 180 -10.85 0.35 6.74
N LEU D 181 -11.50 0.11 7.88
CA LEU D 181 -11.84 -1.26 8.36
C LEU D 181 -12.75 -1.94 7.33
N ASN D 182 -13.64 -1.16 6.73
CA ASN D 182 -14.58 -1.66 5.71
C ASN D 182 -13.78 -2.28 4.55
N ALA D 183 -12.75 -1.60 4.08
CA ALA D 183 -11.93 -2.08 2.95
C ALA D 183 -11.21 -3.36 3.36
N LEU D 184 -10.69 -3.43 4.59
CA LEU D 184 -9.99 -4.67 5.04
C LEU D 184 -11.01 -5.80 5.19
N SER D 185 -12.18 -5.53 5.75
CA SER D 185 -13.28 -6.51 5.96
C SER D 185 -13.64 -7.12 4.61
N ALA D 186 -13.71 -6.30 3.56
CA ALA D 186 -14.04 -6.76 2.19
C ALA D 186 -12.96 -7.74 1.71
N GLU D 187 -11.69 -7.45 1.94
CA GLU D 187 -10.60 -8.36 1.51
C GLU D 187 -10.81 -9.74 2.16
N ALA D 188 -11.05 -9.77 3.46
CA ALA D 188 -11.21 -11.01 4.23
C ALA D 188 -12.42 -11.77 3.68
N ALA D 189 -13.53 -11.08 3.45
CA ALA D 189 -14.79 -11.68 2.97
C ALA D 189 -14.61 -12.25 1.56
N VAL D 190 -13.90 -11.55 0.69
CA VAL D 190 -13.70 -12.03 -0.71
C VAL D 190 -12.70 -13.20 -0.71
N LEU D 191 -11.66 -13.16 0.12
CA LEU D 191 -10.75 -14.32 0.22
C LEU D 191 -11.57 -15.54 0.71
N CYS D 192 -12.45 -15.33 1.65
CA CYS D 192 -13.34 -16.36 2.22
C CYS D 192 -14.16 -17.01 1.10
N GLU D 193 -14.78 -16.18 0.26
CA GLU D 193 -15.58 -16.65 -0.90
C GLU D 193 -14.67 -17.42 -1.85
N ALA D 194 -13.47 -16.93 -2.14
CA ALA D 194 -12.56 -17.57 -3.11
C ALA D 194 -12.14 -18.94 -2.60
N LEU D 195 -12.11 -19.14 -1.28
CA LEU D 195 -11.69 -20.42 -0.66
C LEU D 195 -12.92 -21.34 -0.49
N ASN D 196 -14.09 -20.92 -0.95
CA ASN D 196 -15.34 -21.74 -0.91
C ASN D 196 -15.79 -21.95 0.53
N LEU D 197 -15.51 -21.01 1.43
CA LEU D 197 -15.90 -21.13 2.86
C LEU D 197 -17.11 -20.24 3.04
N PRO D 198 -18.26 -20.75 3.52
CA PRO D 198 -19.42 -19.89 3.76
C PRO D 198 -19.07 -18.76 4.73
N PHE D 199 -19.44 -17.55 4.36
CA PHE D 199 -19.12 -16.30 5.09
C PHE D 199 -19.59 -16.41 6.55
N ASP D 200 -20.80 -16.94 6.78
CA ASP D 200 -21.40 -16.97 8.14
C ASP D 200 -20.51 -17.82 9.07
N VAL D 201 -19.85 -18.84 8.55
CA VAL D 201 -18.95 -19.70 9.36
C VAL D 201 -17.73 -18.87 9.83
N ALA D 202 -17.15 -18.09 8.91
CA ALA D 202 -16.02 -17.18 9.22
C ALA D 202 -16.48 -16.15 10.24
N VAL D 203 -17.68 -15.56 10.05
CA VAL D 203 -18.17 -14.50 10.99
C VAL D 203 -18.38 -15.14 12.36
N LYS D 204 -18.90 -16.37 12.45
CA LYS D 204 -19.11 -17.08 13.74
C LYS D 204 -17.74 -17.18 14.45
N VAL D 205 -16.69 -17.58 13.76
CA VAL D 205 -15.35 -17.73 14.39
C VAL D 205 -14.83 -16.34 14.77
N MET D 206 -14.88 -15.38 13.85
CA MET D 206 -14.28 -14.02 14.06
C MET D 206 -15.02 -13.28 15.17
N SER D 207 -16.30 -13.56 15.39
CA SER D 207 -17.09 -12.92 16.48
C SER D 207 -16.50 -13.25 17.84
N GLY D 208 -15.73 -14.33 17.95
CA GLY D 208 -15.11 -14.77 19.21
C GLY D 208 -13.65 -14.34 19.35
N THR D 209 -13.07 -13.61 18.39
CA THR D 209 -11.64 -13.23 18.44
C THR D 209 -11.48 -11.73 18.17
N ALA D 210 -10.24 -11.24 18.18
CA ALA D 210 -9.96 -9.84 17.80
C ALA D 210 -10.44 -9.55 16.36
N ALA D 211 -10.54 -10.56 15.50
CA ALA D 211 -10.94 -10.38 14.09
C ALA D 211 -12.30 -9.66 14.05
N GLY D 212 -13.23 -10.09 14.91
CA GLY D 212 -14.63 -9.58 14.95
C GLY D 212 -14.83 -8.58 16.09
N LYS D 213 -14.04 -8.66 17.16
CA LYS D 213 -14.25 -7.84 18.38
C LYS D 213 -13.27 -6.67 18.40
N GLY D 214 -12.23 -6.66 17.58
CA GLY D 214 -11.23 -5.58 17.60
C GLY D 214 -10.15 -5.87 18.66
N HIS D 215 -9.00 -5.21 18.53
CA HIS D 215 -7.81 -5.36 19.41
C HIS D 215 -7.91 -4.40 20.60
N PHE D 216 -8.61 -3.27 20.43
CA PHE D 216 -8.65 -2.16 21.40
C PHE D 216 -9.01 -2.70 22.80
N THR D 217 -9.95 -3.64 22.89
CA THR D 217 -10.42 -4.13 24.22
C THR D 217 -10.09 -5.61 24.43
N THR D 218 -9.34 -6.26 23.55
CA THR D 218 -9.06 -7.72 23.65
C THR D 218 -7.55 -7.93 23.85
N SER D 219 -6.78 -7.86 22.78
CA SER D 219 -5.33 -8.19 22.76
C SER D 219 -4.48 -7.06 23.36
N TRP D 220 -4.93 -5.80 23.33
CA TRP D 220 -4.08 -4.64 23.72
C TRP D 220 -4.05 -4.38 25.22
N PRO D 221 -5.18 -4.39 25.96
CA PRO D 221 -5.20 -3.88 27.34
C PRO D 221 -4.15 -4.51 28.26
N ASN D 222 -4.01 -5.85 28.27
CA ASN D 222 -3.10 -6.52 29.24
C ASN D 222 -1.70 -6.69 28.63
N LYS D 223 -1.47 -6.27 27.38
CA LYS D 223 -0.13 -6.36 26.77
C LYS D 223 0.39 -4.94 26.54
N VAL D 224 0.43 -4.46 25.29
CA VAL D 224 1.07 -3.17 24.97
C VAL D 224 0.53 -2.06 25.89
N LEU D 225 -0.77 -2.00 26.17
CA LEU D 225 -1.33 -0.84 26.94
C LEU D 225 -0.96 -0.95 28.43
N SER D 226 -0.47 -2.11 28.88
CA SER D 226 0.07 -2.32 30.25
C SER D 226 1.59 -2.26 30.24
N GLY D 227 2.21 -1.89 29.12
CA GLY D 227 3.68 -1.87 28.99
C GLY D 227 4.30 -3.27 28.98
N ASP D 228 3.53 -4.31 28.67
CA ASP D 228 4.01 -5.72 28.64
C ASP D 228 3.97 -6.24 27.20
N LEU D 229 5.13 -6.40 26.59
CA LEU D 229 5.25 -6.95 25.20
C LEU D 229 5.74 -8.40 25.23
N SER D 230 5.70 -9.08 26.37
CA SER D 230 5.95 -10.55 26.42
C SER D 230 4.88 -11.18 25.56
N PRO D 231 5.21 -12.16 24.68
CA PRO D 231 4.26 -12.60 23.66
C PRO D 231 3.14 -13.53 24.12
N ALA D 232 1.89 -13.17 23.83
CA ALA D 232 0.78 -14.15 23.71
C ALA D 232 0.82 -14.75 22.30
N PHE D 233 1.05 -13.90 21.30
CA PHE D 233 1.18 -14.30 19.88
C PHE D 233 2.29 -13.48 19.25
N MET D 234 3.40 -14.13 18.91
CA MET D 234 4.62 -13.47 18.46
C MET D 234 4.43 -12.81 17.10
N ILE D 235 5.04 -11.65 16.93
CA ILE D 235 5.07 -10.94 15.64
C ILE D 235 5.58 -11.85 14.53
N ASP D 236 6.58 -12.70 14.79
CA ASP D 236 7.14 -13.61 13.75
C ASP D 236 6.02 -14.52 13.19
N LEU D 237 5.17 -15.04 14.06
CA LEU D 237 4.09 -15.97 13.67
C LEU D 237 3.02 -15.17 12.92
N ALA D 238 2.68 -13.98 13.40
CA ALA D 238 1.65 -13.14 12.76
C ALA D 238 2.13 -12.82 11.34
N HIS D 239 3.39 -12.44 11.20
CA HIS D 239 4.03 -12.11 9.90
C HIS D 239 3.98 -13.32 8.98
N LYS D 240 4.30 -14.50 9.49
CA LYS D 240 4.25 -15.73 8.67
C LYS D 240 2.81 -15.97 8.17
N ASP D 241 1.83 -15.85 9.04
CA ASP D 241 0.41 -16.13 8.67
C ASP D 241 -0.06 -15.13 7.62
N LEU D 242 0.33 -13.86 7.72
CA LEU D 242 0.00 -12.86 6.67
C LEU D 242 0.60 -13.28 5.35
N GLY D 243 1.83 -13.78 5.35
CA GLY D 243 2.49 -14.28 4.13
C GLY D 243 1.67 -15.40 3.49
N ILE D 244 1.14 -16.31 4.32
CA ILE D 244 0.29 -17.42 3.81
C ILE D 244 -1.00 -16.84 3.21
N ALA D 245 -1.66 -15.93 3.92
CA ALA D 245 -2.89 -15.29 3.41
C ALA D 245 -2.62 -14.65 2.05
N LEU D 246 -1.51 -13.90 1.93
CA LEU D 246 -1.18 -13.20 0.66
C LEU D 246 -0.80 -14.20 -0.43
N ASP D 247 -0.17 -15.31 -0.07
CA ASP D 247 0.17 -16.38 -1.04
C ASP D 247 -1.12 -16.91 -1.64
N VAL D 248 -2.08 -17.24 -0.79
CA VAL D 248 -3.40 -17.80 -1.20
C VAL D 248 -4.14 -16.76 -2.05
N ALA D 249 -4.21 -15.51 -1.59
CA ALA D 249 -4.95 -14.45 -2.30
C ALA D 249 -4.34 -14.28 -3.70
N ASN D 250 -3.02 -14.28 -3.79
CA ASN D 250 -2.34 -14.08 -5.09
C ASN D 250 -2.55 -15.31 -6.01
N GLN D 251 -2.64 -16.52 -5.46
CA GLN D 251 -2.95 -17.73 -6.26
C GLN D 251 -4.39 -17.65 -6.77
N LEU D 252 -5.31 -17.12 -5.96
CA LEU D 252 -6.77 -17.09 -6.29
C LEU D 252 -7.16 -15.74 -6.94
N HIS D 253 -6.20 -14.87 -7.28
CA HIS D 253 -6.42 -13.50 -7.81
C HIS D 253 -7.49 -12.74 -7.02
N VAL D 254 -7.33 -12.70 -5.71
CA VAL D 254 -8.09 -11.81 -4.80
C VAL D 254 -7.15 -10.69 -4.39
N PRO D 255 -7.28 -9.47 -4.97
CA PRO D 255 -6.37 -8.37 -4.62
C PRO D 255 -6.60 -7.93 -3.18
N MET D 256 -5.52 -7.89 -2.41
CA MET D 256 -5.59 -7.54 -0.98
C MET D 256 -4.59 -6.43 -0.66
N PRO D 257 -4.83 -5.20 -1.13
CA PRO D 257 -3.88 -4.10 -0.91
C PRO D 257 -3.65 -3.80 0.58
N LEU D 258 -4.68 -3.83 1.43
CA LEU D 258 -4.47 -3.51 2.87
C LEU D 258 -3.65 -4.62 3.52
N GLY D 259 -3.94 -5.88 3.20
CA GLY D 259 -3.15 -7.02 3.68
C GLY D 259 -1.70 -6.92 3.24
N ALA D 260 -1.46 -6.61 1.97
CA ALA D 260 -0.11 -6.47 1.40
C ALA D 260 0.62 -5.36 2.17
N ALA D 261 -0.03 -4.21 2.39
CA ALA D 261 0.59 -3.10 3.16
C ALA D 261 0.85 -3.56 4.60
N SER D 262 -0.06 -4.33 5.19
CA SER D 262 0.06 -4.72 6.62
C SER D 262 1.29 -5.61 6.78
N ARG D 263 1.54 -6.51 5.81
CA ARG D 263 2.69 -7.42 5.97
C ARG D 263 4.00 -6.63 6.00
N GLU D 264 4.11 -5.56 5.19
CA GLU D 264 5.36 -4.75 5.18
C GLU D 264 5.50 -4.00 6.50
N VAL D 265 4.40 -3.69 7.20
CA VAL D 265 4.47 -3.10 8.57
C VAL D 265 5.03 -4.15 9.53
N TYR D 266 4.54 -5.39 9.49
CA TYR D 266 5.07 -6.45 10.37
C TYR D 266 6.53 -6.73 10.01
N SER D 267 6.89 -6.61 8.72
CA SER D 267 8.28 -6.84 8.25
C SER D 267 9.20 -5.80 8.90
N GLN D 268 8.73 -4.55 8.91
CA GLN D 268 9.51 -3.46 9.56
C GLN D 268 9.62 -3.73 11.07
N ALA D 269 8.57 -4.22 11.72
CA ALA D 269 8.64 -4.61 13.13
C ALA D 269 9.73 -5.67 13.35
N ARG D 270 9.78 -6.69 12.48
CA ARG D 270 10.82 -7.75 12.58
C ARG D 270 12.21 -7.11 12.38
N ALA D 271 12.37 -6.20 11.43
CA ALA D 271 13.64 -5.48 11.18
C ALA D 271 14.05 -4.69 12.44
N ALA D 272 13.08 -4.13 13.18
CA ALA D 272 13.34 -3.34 14.39
C ALA D 272 13.60 -4.25 15.59
N GLY D 273 13.60 -5.58 15.44
CA GLY D 273 13.93 -6.51 16.54
C GLY D 273 12.72 -6.94 17.35
N ARG D 274 11.49 -6.78 16.83
CA ARG D 274 10.25 -7.07 17.62
C ARG D 274 9.67 -8.45 17.29
N GLY D 275 10.34 -9.28 16.51
CA GLY D 275 9.78 -10.57 16.05
C GLY D 275 9.31 -11.46 17.19
N ARG D 276 9.93 -11.41 18.38
CA ARG D 276 9.56 -12.30 19.51
C ARG D 276 8.64 -11.56 20.48
N GLN D 277 8.27 -10.32 20.18
CA GLN D 277 7.31 -9.54 21.02
C GLN D 277 5.87 -9.93 20.69
N ASP D 278 4.98 -9.67 21.61
CA ASP D 278 3.52 -9.82 21.41
C ASP D 278 3.11 -9.02 20.16
N TRP D 279 2.12 -9.52 19.43
CA TRP D 279 1.59 -8.78 18.25
C TRP D 279 1.11 -7.38 18.63
N SER D 280 0.67 -7.14 19.87
CA SER D 280 0.24 -5.78 20.29
C SER D 280 1.41 -4.77 20.22
N ALA D 281 2.65 -5.24 20.10
CA ALA D 281 3.82 -4.35 19.95
C ALA D 281 3.75 -3.60 18.61
N ILE D 282 2.92 -4.03 17.67
CA ILE D 282 2.71 -3.25 16.42
C ILE D 282 2.31 -1.82 16.76
N LEU D 283 1.56 -1.59 17.84
CA LEU D 283 1.22 -0.21 18.27
C LEU D 283 2.50 0.58 18.54
N GLU D 284 3.44 -0.01 19.27
CA GLU D 284 4.73 0.67 19.58
C GLU D 284 5.51 0.90 18.29
N GLN D 285 5.53 -0.07 17.39
CA GLN D 285 6.23 0.07 16.09
C GLN D 285 5.68 1.30 15.34
N VAL D 286 4.37 1.43 15.25
CA VAL D 286 3.75 2.57 14.53
C VAL D 286 4.06 3.89 15.26
N ARG D 287 4.04 3.91 16.59
CA ARG D 287 4.42 5.12 17.39
C ARG D 287 5.84 5.52 17.01
N VAL D 288 6.79 4.58 17.00
CA VAL D 288 8.20 4.85 16.66
C VAL D 288 8.29 5.34 15.22
N SER D 289 7.57 4.73 14.28
CA SER D 289 7.56 5.14 12.86
C SER D 289 7.07 6.60 12.76
N ALA D 290 6.20 7.04 13.67
CA ALA D 290 5.63 8.41 13.69
C ALA D 290 6.54 9.38 14.46
N GLY D 291 7.73 8.95 14.87
CA GLY D 291 8.70 9.85 15.55
C GLY D 291 8.38 10.02 17.02
N MET D 292 7.52 9.17 17.58
CA MET D 292 7.21 9.24 19.03
C MET D 292 8.25 8.44 19.82
N THR D 293 8.41 8.80 21.10
CA THR D 293 9.31 8.08 22.02
C THR D 293 8.65 6.75 22.36
N ALA D 294 9.36 5.63 22.19
CA ALA D 294 9.04 4.30 22.75
C ALA D 294 8.53 4.43 24.19
N LYS D 295 7.42 3.75 24.50
CA LYS D 295 6.82 3.67 25.86
C LYS D 295 7.37 2.43 26.59
N VAL D 296 7.66 1.34 25.87
CA VAL D 296 8.09 0.05 26.50
C VAL D 296 9.61 -0.17 26.30
B BO3 E . 8.02 22.10 -5.31
O1 BO3 E . 8.56 21.04 -5.96
O2 BO3 E . 6.83 22.05 -4.67
O3 BO3 E . 8.69 23.29 -5.28
B BO3 F . 10.48 -15.58 -15.23
O1 BO3 F . 10.63 -16.42 -16.30
O2 BO3 F . 9.99 -16.10 -14.08
O3 BO3 F . 10.85 -14.26 -15.27
B BO3 G . -18.89 13.28 6.69
O1 BO3 G . -18.66 12.11 7.34
O2 BO3 G . -20.17 13.75 6.64
O3 BO3 G . -17.88 13.95 6.07
B BO3 H . 0.57 -19.70 13.58
O1 BO3 H . 0.93 -20.53 14.60
O2 BO3 H . -0.51 -18.88 13.74
O3 BO3 H . 1.26 -19.71 12.41
#